data_2F7L
#
_entry.id   2F7L
#
_cell.length_a   161.904
_cell.length_b   161.904
_cell.length_c   170.494
_cell.angle_alpha   90.00
_cell.angle_beta   90.00
_cell.angle_gamma   120.00
#
_symmetry.space_group_name_H-M   'P 62 2 2'
#
loop_
_entity.id
_entity.type
_entity.pdbx_description
1 polymer '455aa long hypothetical phospho-sugar mutase'
2 non-polymer 'SULFATE ION'
3 water water
#
_entity_poly.entity_id   1
_entity_poly.type   'polypeptide(L)'
_entity_poly.pdbx_seq_one_letter_code
;MGKLFGTDGVRGIVNKELTPELVLKLSKAIGTFFGKNSKILVGRDVRAGGDMLVKIVEGGLLSVGVEVYDGGMAPTPALQ
YAVKTLGYDGGVVITASHNPAPYNGIKVVDKDGIEIRREKENEIEDLFFTERFNTIEWSSLTTEVKREDRVISTYVNGIL
SHVDIEKIKKKNYKVLIDPANSVGALSTPLVARALGCKIYTINGNLDPLFSARQPEPTFDSLKETAEVVKTLKVDLGVAH
DGDADRAIFIDSEGRVQWGDRSGTLLSYWASVKNPKAIKKIVTAVSSSSLVEEYLSKYNIQVDWTKVGSVDIAHKVADEN
ALAGFEENGGFMYPPHQYVRDGAMSFALMLELLANENVSSAELFDRLPKYYLVKTKVDLKPGLMVEEIYKKILEVYSTSS
VKAITIDGVKIIGKDFWFLVRKSGTEPIIRIMAEAKDENVANNLVNELKKIVEGK
;
_entity_poly.pdbx_strand_id   A,B
#
# COMPACT_ATOMS: atom_id res chain seq x y z
N MET A 1 27.43 16.33 -7.19
CA MET A 1 26.69 16.78 -8.36
C MET A 1 27.07 18.23 -8.67
N GLY A 2 28.00 18.71 -7.98
CA GLY A 2 28.56 19.98 -8.23
C GLY A 2 29.82 19.75 -7.48
N LYS A 3 29.99 20.56 -6.46
CA LYS A 3 31.00 20.27 -5.52
C LYS A 3 30.22 19.29 -4.63
N LEU A 4 29.09 19.71 -4.13
CA LEU A 4 28.22 18.82 -3.40
C LEU A 4 26.95 18.67 -4.21
N PHE A 5 26.15 19.72 -4.07
CA PHE A 5 24.76 19.94 -4.59
C PHE A 5 24.54 19.75 -6.07
N GLY A 6 23.56 18.93 -6.38
CA GLY A 6 23.23 18.68 -7.76
C GLY A 6 22.07 19.57 -8.15
N THR A 7 21.17 19.03 -8.97
CA THR A 7 20.03 19.79 -9.43
C THR A 7 18.94 19.91 -8.35
N ASP A 8 18.81 18.86 -7.55
CA ASP A 8 17.79 18.79 -6.52
C ASP A 8 18.38 18.31 -5.19
N GLY A 9 19.50 18.92 -4.78
CA GLY A 9 20.14 18.54 -3.52
C GLY A 9 21.38 17.66 -3.69
N VAL A 10 21.89 17.16 -2.56
CA VAL A 10 23.04 16.29 -2.57
C VAL A 10 22.55 14.85 -2.65
N ARG A 11 23.10 14.04 -3.54
CA ARG A 11 22.65 12.65 -3.64
C ARG A 11 23.66 11.65 -4.19
N GLY A 12 23.41 10.38 -3.97
CA GLY A 12 24.32 9.38 -4.44
C GLY A 12 23.85 8.02 -3.99
N ILE A 13 24.53 6.96 -4.41
CA ILE A 13 24.15 5.63 -4.01
C ILE A 13 24.39 5.53 -2.52
N VAL A 14 23.36 5.13 -1.80
CA VAL A 14 23.44 5.04 -0.37
C VAL A 14 24.47 4.03 0.13
N ASN A 15 25.23 4.46 1.13
CA ASN A 15 26.29 3.71 1.77
C ASN A 15 27.48 3.44 0.87
N LYS A 16 27.66 4.26 -0.15
CA LYS A 16 28.80 4.13 -1.04
C LYS A 16 29.34 5.51 -1.34
N GLU A 17 28.59 6.29 -2.11
CA GLU A 17 29.02 7.64 -2.42
C GLU A 17 28.38 8.48 -1.32
N LEU A 18 27.08 8.28 -1.09
CA LEU A 18 26.39 9.01 -0.04
C LEU A 18 26.63 8.13 1.19
N THR A 19 27.69 8.42 1.92
CA THR A 19 28.03 7.64 3.10
C THR A 19 27.56 8.35 4.37
N PRO A 20 27.56 7.64 5.49
CA PRO A 20 27.12 8.29 6.72
C PRO A 20 28.07 9.44 7.04
N GLU A 21 29.37 9.23 6.78
CA GLU A 21 30.40 10.26 7.07
C GLU A 21 30.17 11.58 6.35
N LEU A 22 29.77 11.49 5.08
CA LEU A 22 29.51 12.66 4.29
C LEU A 22 28.30 13.39 4.83
N VAL A 23 27.21 12.65 5.03
CA VAL A 23 25.99 13.24 5.55
C VAL A 23 26.26 13.83 6.93
N LEU A 24 27.13 13.21 7.69
CA LEU A 24 27.41 13.77 8.99
C LEU A 24 28.02 15.18 8.84
N LYS A 25 28.95 15.33 7.90
CA LYS A 25 29.60 16.63 7.68
C LYS A 25 28.63 17.65 7.08
N LEU A 26 27.87 17.19 6.09
CA LEU A 26 26.88 18.00 5.41
C LEU A 26 25.86 18.55 6.43
N SER A 27 25.65 17.81 7.52
CA SER A 27 24.70 18.16 8.59
C SER A 27 25.20 19.23 9.55
N LYS A 28 26.51 19.29 9.78
CA LYS A 28 27.10 20.28 10.66
C LYS A 28 27.05 21.58 9.86
N ALA A 29 27.26 21.46 8.56
CA ALA A 29 27.25 22.61 7.66
C ALA A 29 25.84 23.19 7.60
N ILE A 30 24.85 22.33 7.35
CA ILE A 30 23.47 22.78 7.26
C ILE A 30 23.06 23.39 8.58
N GLY A 31 23.46 22.75 9.67
CA GLY A 31 23.12 23.25 10.98
C GLY A 31 23.81 24.57 11.27
N THR A 32 25.07 24.66 10.89
CA THR A 32 25.79 25.89 11.14
C THR A 32 25.14 26.99 10.31
N PHE A 33 24.68 26.65 9.12
CA PHE A 33 24.03 27.58 8.22
C PHE A 33 22.72 28.18 8.78
N PHE A 34 21.92 27.34 9.44
CA PHE A 34 20.67 27.79 10.03
C PHE A 34 20.90 28.51 11.35
N GLY A 35 22.00 28.22 12.02
CA GLY A 35 22.29 28.88 13.28
C GLY A 35 21.88 28.12 14.53
N LYS A 36 22.44 28.52 15.66
CA LYS A 36 22.14 27.87 16.94
C LYS A 36 20.72 28.17 17.35
N ASN A 37 20.06 27.19 17.97
CA ASN A 37 18.67 27.32 18.44
C ASN A 37 17.64 27.44 17.34
N SER A 38 18.03 27.13 16.11
CA SER A 38 17.05 27.19 15.04
C SER A 38 16.24 25.90 15.11
N LYS A 39 14.95 26.03 14.80
CA LYS A 39 14.05 24.89 14.86
C LYS A 39 13.99 24.25 13.49
N ILE A 40 14.52 23.03 13.39
CA ILE A 40 14.58 22.33 12.11
C ILE A 40 13.84 21.03 12.04
N LEU A 41 12.97 20.91 11.06
CA LEU A 41 12.17 19.69 10.90
C LEU A 41 12.88 18.69 9.97
N VAL A 42 13.04 17.46 10.43
CA VAL A 42 13.70 16.43 9.63
C VAL A 42 12.71 15.33 9.24
N GLY A 43 12.61 15.04 7.94
CA GLY A 43 11.68 14.01 7.49
C GLY A 43 12.31 13.14 6.41
N ARG A 44 11.61 12.12 5.92
CA ARG A 44 12.19 11.24 4.89
C ARG A 44 11.20 10.51 3.98
N ASP A 45 11.67 10.10 2.82
CA ASP A 45 10.81 9.35 1.95
C ASP A 45 11.04 7.87 2.27
N VAL A 46 10.70 6.97 1.38
CA VAL A 46 10.84 5.57 1.74
C VAL A 46 12.19 4.89 1.49
N ARG A 47 13.10 5.57 0.81
CA ARG A 47 14.37 4.98 0.42
C ARG A 47 15.28 4.18 1.37
N ALA A 48 16.11 3.36 0.75
CA ALA A 48 17.06 2.49 1.41
C ALA A 48 17.87 3.01 2.59
N GLY A 49 18.45 4.19 2.54
CA GLY A 49 19.21 4.52 3.75
C GLY A 49 18.45 5.31 4.80
N GLY A 50 17.13 5.25 4.69
CA GLY A 50 16.21 5.99 5.53
C GLY A 50 16.49 6.30 6.98
N ASP A 51 16.46 5.26 7.80
CA ASP A 51 16.71 5.42 9.21
C ASP A 51 18.14 5.79 9.48
N MET A 52 19.05 5.04 8.88
CA MET A 52 20.44 5.33 9.11
C MET A 52 20.69 6.82 8.93
N LEU A 53 20.32 7.35 7.76
CA LEU A 53 20.54 8.74 7.43
C LEU A 53 19.83 9.76 8.33
N VAL A 54 18.64 9.45 8.81
CA VAL A 54 17.96 10.39 9.69
C VAL A 54 18.70 10.46 11.02
N LYS A 55 19.22 9.32 11.48
CA LYS A 55 19.95 9.35 12.73
C LYS A 55 21.25 10.18 12.58
N ILE A 56 21.91 10.04 11.44
CA ILE A 56 23.15 10.76 11.21
C ILE A 56 22.89 12.27 11.16
N VAL A 57 21.85 12.67 10.43
CA VAL A 57 21.49 14.08 10.31
C VAL A 57 21.17 14.68 11.68
N GLU A 58 20.31 14.00 12.44
CA GLU A 58 19.92 14.46 13.78
C GLU A 58 21.13 14.58 14.69
N GLY A 59 21.99 13.58 14.63
CA GLY A 59 23.21 13.63 15.42
C GLY A 59 24.03 14.83 14.96
N GLY A 60 24.12 15.03 13.65
CA GLY A 60 24.86 16.16 13.11
C GLY A 60 24.33 17.52 13.50
N LEU A 61 23.01 17.69 13.45
CA LEU A 61 22.41 18.97 13.80
C LEU A 61 22.54 19.30 15.31
N LEU A 62 22.51 18.28 16.17
CA LEU A 62 22.66 18.54 17.60
C LEU A 62 24.07 19.07 17.85
N SER A 63 25.08 18.43 17.27
CA SER A 63 26.46 18.88 17.47
C SER A 63 26.64 20.38 17.19
N VAL A 64 25.75 20.95 16.40
CA VAL A 64 25.89 22.36 16.13
C VAL A 64 24.77 23.23 16.74
N GLY A 65 24.17 22.69 17.81
CA GLY A 65 23.13 23.41 18.53
C GLY A 65 21.77 23.64 17.90
N VAL A 66 21.37 22.80 16.97
CA VAL A 66 20.07 22.99 16.35
C VAL A 66 19.04 22.28 17.20
N GLU A 67 17.84 22.85 17.30
CA GLU A 67 16.77 22.21 18.08
C GLU A 67 16.10 21.32 17.04
N VAL A 68 16.36 20.02 17.09
CA VAL A 68 15.83 19.08 16.11
C VAL A 68 14.43 18.47 16.27
N TYR A 69 13.67 18.44 15.18
CA TYR A 69 12.34 17.82 15.16
C TYR A 69 12.24 16.71 14.09
N ASP A 70 11.66 15.60 14.49
CA ASP A 70 11.48 14.44 13.63
C ASP A 70 10.04 14.32 13.10
N GLY A 71 9.87 14.43 11.79
CA GLY A 71 8.56 14.32 11.21
C GLY A 71 8.31 13.00 10.51
N GLY A 72 9.19 12.02 10.70
CA GLY A 72 9.01 10.73 10.04
C GLY A 72 8.95 10.73 8.52
N MET A 73 8.27 9.73 7.95
CA MET A 73 8.13 9.61 6.50
C MET A 73 6.99 10.43 5.90
N ALA A 74 7.27 11.17 4.84
CA ALA A 74 6.20 11.96 4.22
C ALA A 74 6.60 12.50 2.87
N PRO A 75 5.61 12.90 2.07
CA PRO A 75 5.96 13.46 0.76
C PRO A 75 6.76 14.75 1.07
N THR A 76 7.65 15.14 0.15
CA THR A 76 8.44 16.37 0.37
C THR A 76 7.53 17.60 0.44
N PRO A 77 6.53 17.70 -0.46
CA PRO A 77 5.62 18.84 -0.43
C PRO A 77 5.01 18.93 1.00
N ALA A 78 4.75 17.76 1.59
CA ALA A 78 4.19 17.67 2.95
C ALA A 78 5.15 18.22 4.01
N LEU A 79 6.40 17.75 3.98
CA LEU A 79 7.42 18.20 4.93
C LEU A 79 7.59 19.70 4.73
N GLN A 80 7.75 20.12 3.49
CA GLN A 80 7.93 21.52 3.17
C GLN A 80 6.75 22.33 3.68
N TYR A 81 5.56 21.83 3.42
CA TYR A 81 4.35 22.52 3.84
C TYR A 81 4.38 22.69 5.38
N ALA A 82 4.92 21.68 6.05
CA ALA A 82 5.05 21.72 7.49
C ALA A 82 5.98 22.86 7.91
N VAL A 83 7.18 22.92 7.34
CA VAL A 83 8.09 23.99 7.71
C VAL A 83 7.49 25.33 7.32
N LYS A 84 6.78 25.35 6.20
CA LYS A 84 6.15 26.57 5.73
C LYS A 84 5.10 27.12 6.71
N THR A 85 4.19 26.28 7.17
CA THR A 85 3.13 26.80 8.02
C THR A 85 3.18 26.42 9.49
N LEU A 86 4.10 25.53 9.87
CA LEU A 86 4.15 25.11 11.25
C LEU A 86 5.13 25.87 12.13
N GLY A 87 5.81 26.85 11.54
CA GLY A 87 6.76 27.67 12.29
C GLY A 87 8.25 27.34 12.23
N TYR A 88 8.63 26.29 11.52
CA TYR A 88 10.04 25.93 11.48
C TYR A 88 10.98 26.94 10.82
N ASP A 89 12.24 26.85 11.17
CA ASP A 89 13.24 27.74 10.61
C ASP A 89 13.79 27.18 9.29
N GLY A 90 13.35 25.95 8.97
CA GLY A 90 13.75 25.25 7.78
C GLY A 90 13.68 23.74 8.04
N GLY A 91 14.10 22.94 7.08
CA GLY A 91 14.08 21.51 7.30
C GLY A 91 15.00 20.80 6.34
N VAL A 92 15.25 19.52 6.60
CA VAL A 92 16.05 18.73 5.72
C VAL A 92 15.35 17.39 5.51
N VAL A 93 15.09 17.07 4.24
CA VAL A 93 14.42 15.85 3.82
C VAL A 93 15.46 14.84 3.23
N ILE A 94 15.39 13.59 3.68
CA ILE A 94 16.28 12.53 3.20
C ILE A 94 15.58 11.91 2.02
N THR A 95 16.05 12.27 0.82
CA THR A 95 15.42 11.79 -0.42
C THR A 95 16.30 11.92 -1.65
N ALA A 96 16.03 11.08 -2.65
CA ALA A 96 16.76 11.12 -3.92
C ALA A 96 15.78 11.41 -5.05
N SER A 97 14.70 12.10 -4.69
CA SER A 97 13.68 12.51 -5.65
C SER A 97 13.14 11.35 -6.51
N HIS A 98 13.59 11.31 -7.77
CA HIS A 98 13.16 10.32 -8.76
C HIS A 98 14.20 9.22 -9.05
N ASN A 99 15.45 9.46 -8.65
CA ASN A 99 16.55 8.52 -8.87
C ASN A 99 16.16 7.09 -8.53
N PRO A 100 16.81 6.11 -9.19
CA PRO A 100 16.57 4.69 -9.00
C PRO A 100 16.72 4.36 -7.52
N ALA A 101 16.25 3.16 -7.15
CA ALA A 101 16.27 2.66 -5.79
C ALA A 101 17.55 2.74 -4.97
N PRO A 102 18.70 2.51 -5.60
CA PRO A 102 19.90 2.57 -4.75
C PRO A 102 20.37 3.96 -4.32
N TYR A 103 19.71 5.00 -4.80
CA TYR A 103 20.07 6.37 -4.45
C TYR A 103 19.31 6.93 -3.25
N ASN A 104 19.91 7.95 -2.65
CA ASN A 104 19.28 8.69 -1.56
C ASN A 104 20.05 10.00 -1.50
N GLY A 105 19.52 11.00 -0.82
CA GLY A 105 20.23 12.26 -0.75
C GLY A 105 19.73 13.24 0.29
N ILE A 106 20.18 14.47 0.19
CA ILE A 106 19.77 15.45 1.15
C ILE A 106 19.20 16.66 0.47
N LYS A 107 17.98 17.02 0.82
CA LYS A 107 17.35 18.22 0.29
C LYS A 107 17.29 19.15 1.51
N VAL A 108 17.45 20.44 1.30
CA VAL A 108 17.33 21.33 2.45
C VAL A 108 16.37 22.44 2.10
N VAL A 109 15.30 22.53 2.88
CA VAL A 109 14.29 23.54 2.67
C VAL A 109 14.42 24.71 3.63
N ASP A 110 14.43 25.90 3.06
CA ASP A 110 14.55 27.13 3.84
C ASP A 110 13.26 27.58 4.54
N LYS A 111 13.38 28.68 5.27
CA LYS A 111 12.31 29.29 6.07
C LYS A 111 10.96 29.42 5.37
N ASP A 112 10.97 29.65 4.06
CA ASP A 112 9.77 29.83 3.27
C ASP A 112 9.05 28.57 2.77
N GLY A 113 9.64 27.39 2.99
CA GLY A 113 9.00 26.16 2.56
C GLY A 113 9.53 25.66 1.23
N ILE A 114 10.36 26.46 0.60
CA ILE A 114 10.94 26.10 -0.67
C ILE A 114 12.38 25.63 -0.41
N GLU A 115 12.97 24.88 -1.32
CA GLU A 115 14.36 24.47 -1.14
C GLU A 115 15.21 25.73 -1.15
N ILE A 116 16.36 25.68 -0.49
CA ILE A 116 17.23 26.84 -0.41
C ILE A 116 17.70 27.32 -1.78
N ARG A 117 17.85 28.63 -1.91
CA ARG A 117 18.32 29.24 -3.14
C ARG A 117 19.75 28.79 -3.38
N ARG A 118 20.25 28.94 -4.60
CA ARG A 118 21.61 28.50 -4.93
C ARG A 118 22.72 29.22 -4.17
N GLU A 119 22.58 30.52 -3.99
CA GLU A 119 23.57 31.28 -3.26
C GLU A 119 23.74 30.66 -1.86
N LYS A 120 22.68 30.03 -1.37
CA LYS A 120 22.72 29.39 -0.06
C LYS A 120 23.39 28.02 -0.14
N GLU A 121 23.25 27.32 -1.27
CA GLU A 121 23.91 26.03 -1.40
C GLU A 121 25.40 26.26 -1.29
N ASN A 122 25.83 27.39 -1.82
CA ASN A 122 27.24 27.76 -1.81
C ASN A 122 27.70 28.05 -0.39
N GLU A 123 26.87 28.72 0.40
CA GLU A 123 27.26 29.01 1.75
C GLU A 123 27.51 27.69 2.49
N ILE A 124 26.57 26.77 2.36
CA ILE A 124 26.69 25.48 3.00
C ILE A 124 27.92 24.75 2.47
N GLU A 125 28.10 24.79 1.15
CA GLU A 125 29.23 24.15 0.49
C GLU A 125 30.56 24.70 1.07
N ASP A 126 30.65 26.03 1.24
CA ASP A 126 31.85 26.64 1.79
C ASP A 126 32.07 26.12 3.21
N LEU A 127 31.03 26.20 4.05
CA LEU A 127 31.07 25.72 5.43
C LEU A 127 31.55 24.29 5.45
N PHE A 128 30.95 23.47 4.61
CA PHE A 128 31.34 22.07 4.52
C PHE A 128 32.84 21.96 4.26
N PHE A 129 33.34 22.59 3.20
CA PHE A 129 34.78 22.50 2.87
C PHE A 129 35.76 23.19 3.83
N THR A 130 35.41 24.35 4.36
CA THR A 130 36.27 25.05 5.29
C THR A 130 36.06 24.51 6.71
N GLU A 131 35.02 23.69 6.85
CA GLU A 131 34.64 23.11 8.13
C GLU A 131 34.43 24.13 9.25
N ARG A 132 33.87 25.29 8.94
CA ARG A 132 33.60 26.30 9.98
C ARG A 132 32.23 25.92 10.57
N PHE A 133 32.24 25.13 11.65
CA PHE A 133 31.00 24.68 12.24
C PHE A 133 30.67 25.23 13.62
N ASN A 134 29.44 25.68 13.81
CA ASN A 134 29.06 26.16 15.13
C ASN A 134 29.00 25.00 16.09
N THR A 135 30.13 24.31 16.29
CA THR A 135 30.17 23.20 17.22
C THR A 135 29.98 23.84 18.57
N ILE A 136 29.09 23.28 19.37
CA ILE A 136 28.80 23.85 20.67
C ILE A 136 29.46 23.15 21.85
N GLU A 137 29.55 23.87 22.97
CA GLU A 137 30.13 23.35 24.21
C GLU A 137 29.33 22.20 24.78
N TRP A 138 30.01 21.34 25.52
CA TRP A 138 29.40 20.16 26.12
C TRP A 138 28.21 20.54 27.01
N SER A 139 28.37 21.64 27.74
CA SER A 139 27.36 22.11 28.66
C SER A 139 26.11 22.63 27.97
N SER A 140 26.16 22.90 26.68
CA SER A 140 24.93 23.35 26.04
C SER A 140 24.43 22.26 25.10
N LEU A 141 25.11 21.12 25.14
CA LEU A 141 24.78 19.98 24.32
C LEU A 141 23.84 19.10 25.16
N THR A 142 22.67 19.64 25.53
CA THR A 142 21.72 18.91 26.36
C THR A 142 20.30 18.77 25.79
N THR A 143 20.16 18.63 24.47
CA THR A 143 18.83 18.53 23.90
C THR A 143 18.46 17.22 23.26
N GLU A 144 17.21 16.82 23.43
CA GLU A 144 16.69 15.59 22.83
C GLU A 144 15.96 16.01 21.59
N VAL A 145 15.94 15.16 20.58
CA VAL A 145 15.20 15.52 19.38
C VAL A 145 13.73 15.29 19.73
N LYS A 146 12.89 16.24 19.34
CA LYS A 146 11.48 16.18 19.60
C LYS A 146 10.74 15.52 18.43
N ARG A 147 9.52 15.06 18.66
CA ARG A 147 8.73 14.47 17.59
C ARG A 147 7.75 15.51 17.06
N GLU A 148 7.45 15.41 15.77
CA GLU A 148 6.53 16.27 15.04
C GLU A 148 5.46 15.40 14.36
N ASP A 149 4.28 15.32 14.97
CA ASP A 149 3.21 14.48 14.43
C ASP A 149 2.14 15.18 13.62
N ARG A 150 2.36 16.39 13.16
CA ARG A 150 1.31 17.08 12.43
C ARG A 150 1.51 17.17 10.94
N VAL A 151 2.68 16.77 10.44
CA VAL A 151 2.98 16.91 9.03
C VAL A 151 1.97 16.32 8.01
N ILE A 152 1.68 15.02 8.04
CA ILE A 152 0.72 14.49 7.08
C ILE A 152 -0.67 15.14 7.32
N SER A 153 -1.20 14.98 8.54
CA SER A 153 -2.51 15.55 8.84
C SER A 153 -2.61 17.01 8.46
N THR A 154 -1.59 17.81 8.79
CA THR A 154 -1.61 19.23 8.45
C THR A 154 -1.65 19.43 6.94
N TYR A 155 -0.89 18.58 6.23
CA TYR A 155 -0.78 18.64 4.79
C TYR A 155 -2.11 18.36 4.10
N VAL A 156 -2.72 17.23 4.41
CA VAL A 156 -3.99 16.87 3.80
C VAL A 156 -5.04 17.95 3.93
N ASN A 157 -5.26 18.40 5.16
CA ASN A 157 -6.24 19.44 5.44
C ASN A 157 -5.91 20.68 4.63
N GLY A 158 -4.64 21.02 4.59
CA GLY A 158 -4.23 22.19 3.84
C GLY A 158 -4.66 22.03 2.40
N ILE A 159 -4.42 20.86 1.83
CA ILE A 159 -4.79 20.60 0.44
C ILE A 159 -6.31 20.69 0.26
N LEU A 160 -7.05 19.98 1.11
CA LEU A 160 -8.52 19.97 1.05
C LEU A 160 -9.15 21.34 1.17
N SER A 161 -8.46 22.26 1.83
CA SER A 161 -8.99 23.60 2.01
C SER A 161 -9.07 24.42 0.73
N HIS A 162 -8.66 23.85 -0.39
CA HIS A 162 -8.71 24.61 -1.65
C HIS A 162 -9.64 24.09 -2.74
N VAL A 163 -10.43 23.07 -2.42
CA VAL A 163 -11.38 22.52 -3.39
C VAL A 163 -12.75 22.27 -2.78
N ASP A 164 -13.78 22.38 -3.61
CA ASP A 164 -15.15 22.14 -3.17
C ASP A 164 -15.26 20.68 -2.81
N ILE A 165 -14.99 20.32 -1.56
CA ILE A 165 -15.06 18.93 -1.17
C ILE A 165 -16.38 18.22 -1.45
N GLU A 166 -17.49 18.91 -1.21
CA GLU A 166 -18.79 18.30 -1.46
C GLU A 166 -19.05 18.06 -2.95
N LYS A 167 -18.84 19.09 -3.77
CA LYS A 167 -19.05 18.96 -5.21
C LYS A 167 -18.38 17.70 -5.75
N ILE A 168 -17.11 17.51 -5.41
CA ILE A 168 -16.34 16.36 -5.87
C ILE A 168 -16.82 15.08 -5.21
N LYS A 169 -17.16 15.18 -3.93
CA LYS A 169 -17.60 14.00 -3.19
C LYS A 169 -18.84 13.44 -3.87
N LYS A 170 -19.63 14.33 -4.45
CA LYS A 170 -20.87 13.96 -5.12
C LYS A 170 -20.64 13.08 -6.34
N LYS A 171 -19.59 13.39 -7.10
CA LYS A 171 -19.27 12.64 -8.31
C LYS A 171 -18.83 11.21 -8.02
N ASN A 172 -18.57 10.93 -6.75
CA ASN A 172 -18.09 9.62 -6.32
C ASN A 172 -17.17 9.02 -7.40
N TYR A 173 -16.00 9.58 -7.55
CA TYR A 173 -15.08 9.12 -8.59
C TYR A 173 -14.44 7.78 -8.27
N LYS A 174 -14.05 7.06 -9.31
CA LYS A 174 -13.39 5.78 -9.17
C LYS A 174 -11.93 6.01 -9.62
N VAL A 175 -11.00 6.18 -8.68
CA VAL A 175 -9.61 6.47 -9.02
C VAL A 175 -8.57 5.41 -8.71
N LEU A 176 -7.45 5.45 -9.41
CA LEU A 176 -6.33 4.52 -9.14
C LEU A 176 -5.11 5.38 -8.79
N ILE A 177 -4.40 4.97 -7.74
CA ILE A 177 -3.22 5.69 -7.27
C ILE A 177 -1.97 4.81 -7.24
N ASP A 178 -0.94 5.26 -7.94
CA ASP A 178 0.34 4.57 -8.03
C ASP A 178 1.41 5.40 -7.34
N PRO A 179 1.56 5.22 -6.01
CA PRO A 179 2.54 5.96 -5.23
C PRO A 179 3.96 5.41 -5.36
N ALA A 180 4.13 4.43 -6.25
CA ALA A 180 5.45 3.84 -6.50
C ALA A 180 6.11 3.22 -5.30
N ASN A 181 5.34 2.50 -4.50
CA ASN A 181 5.87 1.84 -3.32
C ASN A 181 6.48 2.80 -2.30
N SER A 182 6.12 4.08 -2.44
CA SER A 182 6.65 5.07 -1.55
C SER A 182 5.69 5.99 -0.79
N VAL A 183 6.31 6.86 -0.02
CA VAL A 183 5.68 7.84 0.84
C VAL A 183 4.39 8.52 0.32
N GLY A 184 4.19 8.53 -1.00
CA GLY A 184 2.98 9.15 -1.53
C GLY A 184 1.73 8.39 -1.13
N ALA A 185 1.90 7.14 -0.75
CA ALA A 185 0.76 6.32 -0.32
C ALA A 185 0.22 6.75 1.05
N LEU A 186 0.98 7.56 1.78
CA LEU A 186 0.56 8.00 3.11
C LEU A 186 -0.33 9.22 3.03
N SER A 187 -0.50 9.78 1.85
CA SER A 187 -1.31 10.98 1.76
C SER A 187 -2.27 11.13 0.57
N THR A 188 -1.83 10.81 -0.64
CA THR A 188 -2.73 10.97 -1.78
C THR A 188 -4.03 10.19 -1.55
N PRO A 189 -3.94 8.95 -1.03
CA PRO A 189 -5.16 8.17 -0.81
C PRO A 189 -6.05 8.84 0.24
N LEU A 190 -5.43 9.54 1.19
CA LEU A 190 -6.19 10.19 2.23
C LEU A 190 -6.96 11.33 1.61
N VAL A 191 -6.33 12.09 0.72
CA VAL A 191 -7.08 13.18 0.09
C VAL A 191 -8.23 12.57 -0.73
N ALA A 192 -7.98 11.47 -1.43
CA ALA A 192 -9.02 10.82 -2.23
C ALA A 192 -10.22 10.47 -1.35
N ARG A 193 -9.94 9.88 -0.18
CA ARG A 193 -10.97 9.48 0.77
C ARG A 193 -11.83 10.66 1.19
N ALA A 194 -11.23 11.84 1.32
CA ALA A 194 -11.99 13.01 1.72
C ALA A 194 -12.91 13.44 0.60
N LEU A 195 -12.46 13.28 -0.64
CA LEU A 195 -13.29 13.65 -1.79
C LEU A 195 -14.19 12.47 -2.16
N GLY A 196 -14.38 11.57 -1.21
CA GLY A 196 -15.22 10.41 -1.44
C GLY A 196 -15.07 9.63 -2.75
N CYS A 197 -13.91 9.03 -3.00
CA CYS A 197 -13.74 8.27 -4.23
C CYS A 197 -13.65 6.78 -3.89
N LYS A 198 -13.80 5.93 -4.89
CA LYS A 198 -13.61 4.49 -4.66
C LYS A 198 -12.11 4.50 -4.96
N ILE A 199 -11.30 4.02 -4.03
CA ILE A 199 -9.85 4.06 -4.21
C ILE A 199 -9.17 2.73 -4.44
N TYR A 200 -8.39 2.66 -5.52
CA TYR A 200 -7.62 1.46 -5.85
C TYR A 200 -6.18 1.93 -5.93
N THR A 201 -5.28 1.29 -5.21
CA THR A 201 -3.89 1.71 -5.31
C THR A 201 -3.06 0.52 -5.74
N ILE A 202 -2.13 0.82 -6.64
CA ILE A 202 -1.23 -0.17 -7.15
C ILE A 202 0.07 0.30 -6.51
N ASN A 203 0.78 -0.65 -5.92
CA ASN A 203 2.05 -0.35 -5.25
C ASN A 203 1.89 0.62 -4.09
N GLY A 204 0.81 0.45 -3.32
CA GLY A 204 0.52 1.31 -2.20
C GLY A 204 1.28 0.94 -0.94
N ASN A 205 1.92 -0.23 -0.95
CA ASN A 205 2.70 -0.63 0.21
C ASN A 205 4.10 -0.01 0.10
N LEU A 206 4.70 0.31 1.24
CA LEU A 206 6.02 0.92 1.28
C LEU A 206 7.11 -0.09 1.03
N ASP A 207 7.94 0.16 0.02
CA ASP A 207 9.03 -0.76 -0.28
C ASP A 207 10.26 -0.09 -0.88
N PRO A 208 11.26 0.23 -0.06
CA PRO A 208 12.44 0.89 -0.62
C PRO A 208 13.12 0.09 -1.76
N LEU A 209 12.60 -1.07 -2.12
CA LEU A 209 13.23 -1.80 -3.23
C LEU A 209 12.59 -1.53 -4.58
N PHE A 210 11.46 -0.82 -4.58
CA PHE A 210 10.75 -0.46 -5.79
C PHE A 210 10.68 -1.56 -6.83
N SER A 211 10.45 -2.77 -6.34
CA SER A 211 10.33 -3.93 -7.19
C SER A 211 9.42 -3.77 -8.41
N ALA A 212 8.22 -3.22 -8.21
CA ALA A 212 7.27 -3.10 -9.32
C ALA A 212 7.62 -2.14 -10.49
N ARG A 213 8.29 -1.02 -10.20
CA ARG A 213 8.66 -0.10 -11.25
C ARG A 213 9.63 0.94 -10.73
N GLN A 214 10.32 1.62 -11.64
CA GLN A 214 11.23 2.63 -11.20
C GLN A 214 10.36 3.71 -10.55
N PRO A 215 10.87 4.35 -9.51
CA PRO A 215 10.11 5.40 -8.82
C PRO A 215 9.72 6.61 -9.67
N GLU A 216 10.41 6.85 -10.76
CA GLU A 216 10.09 8.01 -11.56
C GLU A 216 9.06 7.65 -12.61
N PRO A 217 7.86 8.25 -12.54
CA PRO A 217 6.77 7.99 -13.48
C PRO A 217 7.01 8.48 -14.91
N THR A 218 7.14 7.52 -15.82
CA THR A 218 7.39 7.80 -17.23
C THR A 218 6.46 6.92 -18.04
N PHE A 219 6.29 7.24 -19.33
CA PHE A 219 5.43 6.43 -20.18
C PHE A 219 5.89 4.98 -20.07
N ASP A 220 7.19 4.77 -19.84
CA ASP A 220 7.67 3.42 -19.75
C ASP A 220 7.42 2.74 -18.41
N SER A 221 7.61 3.47 -17.31
CA SER A 221 7.41 2.89 -15.98
C SER A 221 5.93 2.74 -15.68
N LEU A 222 5.10 3.59 -16.27
CA LEU A 222 3.69 3.52 -16.03
C LEU A 222 3.05 2.50 -16.93
N LYS A 223 3.83 2.04 -17.92
CA LYS A 223 3.35 1.05 -18.87
C LYS A 223 2.28 0.11 -18.29
N GLU A 224 2.63 -0.65 -17.26
CA GLU A 224 1.71 -1.59 -16.67
C GLU A 224 0.57 -1.01 -15.84
N THR A 225 0.81 0.08 -15.12
CA THR A 225 -0.30 0.59 -14.34
C THR A 225 -1.32 1.17 -15.32
N ALA A 226 -0.85 1.76 -16.41
CA ALA A 226 -1.75 2.30 -17.43
C ALA A 226 -2.72 1.17 -17.83
N GLU A 227 -2.17 -0.04 -17.84
CA GLU A 227 -2.96 -1.22 -18.15
C GLU A 227 -4.09 -1.34 -17.15
N VAL A 228 -3.74 -1.68 -15.91
CA VAL A 228 -4.73 -1.83 -14.85
C VAL A 228 -5.68 -0.64 -14.79
N VAL A 229 -5.23 0.55 -15.15
CA VAL A 229 -6.14 1.70 -15.14
C VAL A 229 -7.34 1.30 -16.01
N LYS A 230 -7.02 0.88 -17.23
CA LYS A 230 -8.03 0.48 -18.19
C LYS A 230 -8.81 -0.74 -17.72
N THR A 231 -8.13 -1.82 -17.39
CA THR A 231 -8.82 -3.03 -16.96
C THR A 231 -9.80 -2.80 -15.80
N LEU A 232 -9.56 -1.78 -14.99
CA LEU A 232 -10.43 -1.46 -13.86
C LEU A 232 -11.41 -0.32 -14.15
N LYS A 233 -11.41 0.20 -15.37
CA LYS A 233 -12.31 1.29 -15.74
C LYS A 233 -12.41 2.39 -14.67
N VAL A 234 -11.29 2.98 -14.35
CA VAL A 234 -11.25 4.03 -13.36
C VAL A 234 -11.48 5.35 -14.08
N ASP A 235 -12.05 6.34 -13.40
CA ASP A 235 -12.31 7.64 -14.01
C ASP A 235 -11.04 8.45 -14.19
N LEU A 236 -10.08 8.22 -13.30
CA LEU A 236 -8.80 8.92 -13.36
C LEU A 236 -7.76 8.13 -12.58
N GLY A 237 -6.52 8.17 -13.06
CA GLY A 237 -5.43 7.48 -12.39
C GLY A 237 -4.32 8.47 -12.12
N VAL A 238 -3.56 8.28 -11.05
CA VAL A 238 -2.44 9.18 -10.74
C VAL A 238 -1.20 8.46 -10.27
N ALA A 239 -0.08 8.80 -10.86
CA ALA A 239 1.20 8.19 -10.48
C ALA A 239 2.19 9.25 -9.96
N HIS A 240 2.93 8.87 -8.90
CA HIS A 240 3.92 9.77 -8.31
C HIS A 240 5.31 9.16 -8.38
N ASP A 241 6.28 9.97 -7.95
CA ASP A 241 7.67 9.58 -7.86
C ASP A 241 7.94 9.31 -6.39
N GLY A 242 9.17 8.98 -6.06
CA GLY A 242 9.54 8.65 -4.69
C GLY A 242 9.08 9.52 -3.55
N ASP A 243 9.23 10.83 -3.64
CA ASP A 243 8.79 11.69 -2.54
C ASP A 243 7.51 12.49 -2.87
N ALA A 244 6.81 12.03 -3.90
CA ALA A 244 5.54 12.58 -4.38
C ALA A 244 5.41 14.06 -4.65
N ASP A 245 6.46 14.69 -5.16
CA ASP A 245 6.32 16.10 -5.48
C ASP A 245 5.91 16.19 -6.96
N ARG A 246 5.78 15.03 -7.57
CA ARG A 246 5.38 14.95 -8.97
C ARG A 246 4.08 14.18 -9.12
N ALA A 247 3.33 14.50 -10.17
CA ALA A 247 2.07 13.82 -10.43
C ALA A 247 1.75 13.73 -11.92
N ILE A 248 1.86 12.55 -12.53
CA ILE A 248 1.47 12.46 -13.92
C ILE A 248 0.23 11.58 -13.95
N PHE A 249 -0.79 12.03 -14.69
CA PHE A 249 -2.07 11.35 -14.78
C PHE A 249 -2.29 10.38 -15.92
N ILE A 250 -3.29 9.53 -15.74
CA ILE A 250 -3.66 8.52 -16.73
C ILE A 250 -5.18 8.61 -16.82
N ASP A 251 -5.70 9.02 -17.97
CA ASP A 251 -7.15 9.16 -18.14
C ASP A 251 -7.94 7.86 -18.32
N SER A 252 -9.25 8.01 -18.41
CA SER A 252 -10.19 6.89 -18.57
C SER A 252 -9.84 5.91 -19.69
N GLU A 253 -9.16 6.39 -20.73
CA GLU A 253 -8.76 5.54 -21.84
C GLU A 253 -7.59 4.65 -21.48
N GLY A 254 -6.94 4.96 -20.37
CA GLY A 254 -5.81 4.16 -19.94
C GLY A 254 -4.53 4.62 -20.61
N ARG A 255 -4.50 5.88 -21.00
CA ARG A 255 -3.32 6.42 -21.64
C ARG A 255 -2.69 7.45 -20.71
N VAL A 256 -1.37 7.35 -20.52
CA VAL A 256 -0.73 8.30 -19.63
C VAL A 256 -0.61 9.66 -20.34
N GLN A 257 -0.75 10.74 -19.56
CA GLN A 257 -0.66 12.10 -20.06
C GLN A 257 0.60 12.75 -19.48
N TRP A 258 1.33 13.50 -20.30
CA TRP A 258 2.56 14.10 -19.81
C TRP A 258 2.38 15.31 -18.90
N GLY A 259 3.36 15.49 -18.02
CA GLY A 259 3.31 16.57 -17.07
C GLY A 259 2.88 17.93 -17.56
N ASP A 260 3.25 18.30 -18.79
CA ASP A 260 2.87 19.59 -19.33
C ASP A 260 1.43 19.61 -19.89
N ARG A 261 0.89 18.44 -20.23
CA ARG A 261 -0.49 18.38 -20.73
C ARG A 261 -1.41 18.69 -19.55
N SER A 262 -1.16 18.04 -18.43
CA SER A 262 -1.96 18.24 -17.23
C SER A 262 -1.57 19.52 -16.51
N GLY A 263 -0.36 20.02 -16.78
CA GLY A 263 0.08 21.23 -16.14
C GLY A 263 -0.71 22.37 -16.75
N THR A 264 -0.99 22.22 -18.04
CA THR A 264 -1.74 23.22 -18.82
C THR A 264 -3.21 23.26 -18.36
N LEU A 265 -3.82 22.09 -18.26
CA LEU A 265 -5.21 21.94 -17.81
C LEU A 265 -5.36 22.51 -16.40
N LEU A 266 -4.38 22.20 -15.54
CA LEU A 266 -4.37 22.66 -14.15
C LEU A 266 -4.06 24.14 -14.10
N SER A 267 -3.15 24.57 -14.99
CA SER A 267 -2.79 25.97 -15.04
C SER A 267 -4.06 26.75 -15.40
N TYR A 268 -4.93 26.10 -16.16
CA TYR A 268 -6.18 26.70 -16.56
C TYR A 268 -7.12 26.88 -15.36
N TRP A 269 -7.47 25.76 -14.74
CA TRP A 269 -8.35 25.76 -13.59
C TRP A 269 -7.93 26.79 -12.54
N ALA A 270 -6.63 27.00 -12.39
CA ALA A 270 -6.13 27.95 -11.40
C ALA A 270 -6.65 29.37 -11.67
N SER A 271 -6.82 29.73 -12.95
CA SER A 271 -7.33 31.05 -13.31
C SER A 271 -8.82 31.14 -13.01
N VAL A 272 -9.52 30.03 -13.18
CA VAL A 272 -10.94 29.98 -12.91
C VAL A 272 -11.19 30.19 -11.42
N LYS A 273 -10.27 29.72 -10.58
CA LYS A 273 -10.38 29.87 -9.12
C LYS A 273 -9.85 31.23 -8.62
N ASN A 274 -9.21 31.99 -9.50
CA ASN A 274 -8.67 33.27 -9.08
C ASN A 274 -8.70 34.32 -10.19
N PRO A 275 -9.90 34.77 -10.58
CA PRO A 275 -9.95 35.77 -11.65
C PRO A 275 -9.10 36.97 -11.25
N LYS A 276 -9.05 37.19 -9.94
CA LYS A 276 -8.30 38.30 -9.34
C LYS A 276 -6.79 38.24 -9.52
N ALA A 277 -6.27 37.04 -9.74
CA ALA A 277 -4.84 36.82 -9.88
C ALA A 277 -4.32 36.99 -11.29
N ILE A 278 -3.10 37.52 -11.37
CA ILE A 278 -2.42 37.78 -12.63
C ILE A 278 -2.38 36.57 -13.58
N LYS A 279 -3.27 36.54 -14.56
CA LYS A 279 -3.30 35.44 -15.54
C LYS A 279 -1.85 35.40 -16.05
N LYS A 280 -1.14 34.35 -15.67
CA LYS A 280 0.24 34.20 -16.04
C LYS A 280 0.83 33.04 -15.24
N ILE A 281 1.53 32.16 -15.94
CA ILE A 281 2.14 31.00 -15.33
C ILE A 281 3.59 30.88 -15.78
N VAL A 282 4.39 30.11 -15.02
CA VAL A 282 5.80 29.89 -15.32
C VAL A 282 5.99 28.44 -15.72
N THR A 283 6.90 28.16 -16.63
CA THR A 283 7.19 26.78 -17.02
C THR A 283 8.55 26.69 -17.69
N ALA A 284 9.14 25.52 -17.67
CA ALA A 284 10.45 25.35 -18.26
C ALA A 284 10.39 25.07 -19.76
N VAL A 285 11.44 25.52 -20.44
CA VAL A 285 11.58 25.37 -21.88
C VAL A 285 11.48 23.92 -22.34
N SER A 286 11.38 23.00 -21.39
CA SER A 286 11.24 21.57 -21.67
C SER A 286 9.77 21.26 -21.94
N SER A 287 8.91 22.23 -21.62
CA SER A 287 7.47 22.12 -21.82
C SER A 287 7.04 22.37 -23.28
N SER A 288 6.01 21.65 -23.71
CA SER A 288 5.48 21.77 -25.06
C SER A 288 4.90 23.15 -25.27
N SER A 289 5.04 23.69 -26.48
CA SER A 289 4.51 25.04 -26.78
C SER A 289 2.98 25.00 -26.76
N LEU A 290 2.44 23.79 -26.80
CA LEU A 290 1.01 23.56 -26.72
C LEU A 290 0.42 24.41 -25.58
N VAL A 291 1.19 24.58 -24.51
CA VAL A 291 0.77 25.38 -23.37
C VAL A 291 0.37 26.79 -23.80
N GLU A 292 1.16 27.41 -24.68
CA GLU A 292 0.82 28.77 -25.15
C GLU A 292 -0.46 28.76 -25.95
N GLU A 293 -0.56 27.79 -26.84
CA GLU A 293 -1.73 27.67 -27.68
C GLU A 293 -3.00 27.66 -26.86
N TYR A 294 -3.06 26.76 -25.89
CA TYR A 294 -4.24 26.63 -25.06
C TYR A 294 -4.45 27.77 -24.07
N LEU A 295 -3.41 28.17 -23.35
CA LEU A 295 -3.60 29.24 -22.38
C LEU A 295 -3.81 30.58 -23.04
N SER A 296 -3.45 30.67 -24.32
CA SER A 296 -3.61 31.91 -25.07
C SER A 296 -5.06 32.35 -25.13
N LYS A 297 -5.94 31.40 -25.41
CA LYS A 297 -7.35 31.71 -25.48
C LYS A 297 -7.99 31.89 -24.09
N TYR A 298 -7.23 32.47 -23.17
CA TYR A 298 -7.71 32.74 -21.82
C TYR A 298 -6.92 33.91 -21.25
N ASN A 299 -6.01 34.43 -22.06
CA ASN A 299 -5.18 35.60 -21.69
C ASN A 299 -4.10 35.32 -20.68
N ILE A 300 -3.84 34.04 -20.47
CA ILE A 300 -2.82 33.60 -19.53
C ILE A 300 -1.49 33.54 -20.28
N GLN A 301 -0.56 34.41 -19.92
CA GLN A 301 0.76 34.38 -20.57
C GLN A 301 1.53 33.25 -19.94
N VAL A 302 2.45 32.66 -20.70
CA VAL A 302 3.27 31.62 -20.13
C VAL A 302 4.67 32.22 -20.09
N ASP A 303 5.26 32.28 -18.90
CA ASP A 303 6.61 32.80 -18.76
C ASP A 303 7.59 31.65 -18.84
N TRP A 304 8.32 31.55 -19.94
CA TRP A 304 9.27 30.45 -20.09
C TRP A 304 10.47 30.66 -19.19
N THR A 305 11.10 29.57 -18.75
CA THR A 305 12.26 29.68 -17.87
C THR A 305 13.20 28.48 -17.94
N LYS A 306 14.28 28.53 -17.19
CA LYS A 306 15.26 27.45 -17.15
C LYS A 306 14.60 26.18 -16.65
N VAL A 307 15.30 25.07 -16.85
CA VAL A 307 14.86 23.76 -16.39
C VAL A 307 15.24 23.70 -14.91
N GLY A 308 14.29 23.27 -14.07
CA GLY A 308 14.55 23.18 -12.64
C GLY A 308 13.36 23.59 -11.78
N SER A 309 12.89 22.68 -10.93
CA SER A 309 11.74 22.92 -10.05
C SER A 309 11.95 23.94 -8.93
N VAL A 310 13.08 23.85 -8.24
CA VAL A 310 13.36 24.78 -7.15
C VAL A 310 13.29 26.20 -7.72
N ASP A 311 14.04 26.45 -8.80
CA ASP A 311 14.07 27.74 -9.45
C ASP A 311 12.66 28.22 -9.78
N ILE A 312 11.88 27.33 -10.39
CA ILE A 312 10.50 27.67 -10.76
C ILE A 312 9.73 28.11 -9.52
N ALA A 313 9.80 27.31 -8.45
CA ALA A 313 9.08 27.63 -7.23
C ALA A 313 9.37 29.08 -6.87
N HIS A 314 10.64 29.46 -6.92
CA HIS A 314 11.03 30.83 -6.61
C HIS A 314 10.49 31.85 -7.65
N LYS A 315 10.64 31.56 -8.93
CA LYS A 315 10.13 32.46 -9.96
C LYS A 315 8.62 32.64 -9.80
N VAL A 316 7.88 31.57 -9.55
CA VAL A 316 6.45 31.75 -9.38
C VAL A 316 6.23 32.72 -8.22
N ALA A 317 6.85 32.45 -7.07
CA ALA A 317 6.71 33.36 -5.93
C ALA A 317 7.16 34.77 -6.35
N ASP A 318 8.45 34.91 -6.69
CA ASP A 318 9.03 36.18 -7.12
C ASP A 318 8.22 37.03 -8.12
N GLU A 319 7.35 36.41 -8.91
CA GLU A 319 6.58 37.17 -9.86
C GLU A 319 5.08 37.00 -9.64
N ASN A 320 4.76 36.65 -8.40
CA ASN A 320 3.37 36.48 -8.00
C ASN A 320 2.54 35.90 -9.12
N ALA A 321 3.03 34.80 -9.69
CA ALA A 321 2.36 34.15 -10.80
C ALA A 321 1.10 33.37 -10.39
N LEU A 322 0.33 32.94 -11.38
CA LEU A 322 -0.88 32.19 -11.10
C LEU A 322 -0.50 30.80 -10.64
N ALA A 323 0.41 30.15 -11.37
CA ALA A 323 0.87 28.81 -11.05
C ALA A 323 2.16 28.52 -11.81
N GLY A 324 2.72 27.33 -11.61
CA GLY A 324 3.93 26.95 -12.31
C GLY A 324 3.88 25.46 -12.50
N PHE A 325 4.67 24.92 -13.41
CA PHE A 325 4.71 23.47 -13.59
C PHE A 325 5.85 23.04 -14.50
N GLU A 326 6.17 21.75 -14.45
CA GLU A 326 7.22 21.17 -15.28
C GLU A 326 6.58 20.09 -16.13
N GLU A 327 7.20 19.75 -17.25
CA GLU A 327 6.65 18.72 -18.13
C GLU A 327 6.73 17.33 -17.50
N ASN A 328 7.51 17.24 -16.43
CA ASN A 328 7.70 15.96 -15.72
C ASN A 328 6.68 15.68 -14.60
N GLY A 329 5.61 16.45 -14.52
CA GLY A 329 4.64 16.25 -13.45
C GLY A 329 5.03 17.35 -12.50
N GLY A 330 4.47 17.44 -11.32
CA GLY A 330 4.94 18.55 -10.51
C GLY A 330 4.41 19.86 -11.06
N PHE A 331 3.52 20.42 -10.27
CA PHE A 331 2.79 21.63 -10.57
C PHE A 331 2.75 22.46 -9.27
N MET A 332 2.91 23.77 -9.37
CA MET A 332 2.89 24.62 -8.17
C MET A 332 1.63 25.48 -8.11
N TYR A 333 0.87 25.33 -7.03
CA TYR A 333 -0.39 26.05 -6.81
C TYR A 333 -0.17 27.02 -5.65
N PRO A 334 0.21 28.28 -5.96
CA PRO A 334 0.48 29.34 -4.98
C PRO A 334 -0.42 29.42 -3.77
N PRO A 335 -1.75 29.51 -3.97
CA PRO A 335 -2.61 29.58 -2.79
C PRO A 335 -2.26 28.53 -1.74
N HIS A 336 -1.84 27.35 -2.17
CA HIS A 336 -1.42 26.29 -1.25
C HIS A 336 0.04 26.57 -0.91
N GLN A 337 0.92 26.22 -1.84
CA GLN A 337 2.35 26.48 -1.70
C GLN A 337 3.03 26.62 -3.06
N TYR A 338 4.23 27.21 -3.06
CA TYR A 338 4.98 27.43 -4.28
C TYR A 338 5.69 26.22 -4.87
N VAL A 339 5.81 25.15 -4.08
CA VAL A 339 6.50 23.95 -4.55
C VAL A 339 5.59 22.98 -5.29
N ARG A 340 6.20 22.03 -5.99
CA ARG A 340 5.47 21.00 -6.71
C ARG A 340 4.79 20.14 -5.67
N ASP A 341 3.49 19.90 -5.83
CA ASP A 341 2.73 19.13 -4.86
C ASP A 341 1.78 18.14 -5.53
N GLY A 342 2.19 16.87 -5.63
CA GLY A 342 1.37 15.85 -6.28
C GLY A 342 -0.05 15.64 -5.79
N ALA A 343 -0.25 15.59 -4.48
CA ALA A 343 -1.59 15.41 -3.98
C ALA A 343 -2.35 16.66 -4.29
N MET A 344 -1.71 17.81 -4.11
CA MET A 344 -2.41 19.06 -4.39
C MET A 344 -2.93 19.02 -5.81
N SER A 345 -2.11 18.43 -6.69
CA SER A 345 -2.46 18.34 -8.09
C SER A 345 -3.60 17.39 -8.32
N PHE A 346 -3.54 16.23 -7.68
CA PHE A 346 -4.59 15.22 -7.82
C PHE A 346 -5.96 15.80 -7.39
N ALA A 347 -5.96 16.61 -6.34
CA ALA A 347 -7.16 17.24 -5.82
C ALA A 347 -7.71 18.29 -6.80
N LEU A 348 -6.82 19.12 -7.33
CA LEU A 348 -7.23 20.14 -8.27
C LEU A 348 -7.79 19.47 -9.51
N MET A 349 -7.21 18.33 -9.88
CA MET A 349 -7.67 17.64 -11.07
C MET A 349 -9.08 17.15 -10.89
N LEU A 350 -9.35 16.49 -9.76
CA LEU A 350 -10.68 15.99 -9.47
C LEU A 350 -11.68 17.15 -9.40
N GLU A 351 -11.21 18.36 -9.14
CA GLU A 351 -12.12 19.49 -9.09
C GLU A 351 -12.44 19.84 -10.54
N LEU A 352 -11.42 20.28 -11.27
CA LEU A 352 -11.53 20.63 -12.69
C LEU A 352 -12.39 19.60 -13.45
N LEU A 353 -12.12 18.32 -13.19
CA LEU A 353 -12.85 17.23 -13.82
C LEU A 353 -14.31 17.20 -13.36
N ALA A 354 -14.53 17.51 -12.08
CA ALA A 354 -15.87 17.51 -11.51
C ALA A 354 -16.75 18.61 -12.06
N ASN A 355 -16.17 19.79 -12.22
CA ASN A 355 -16.88 20.95 -12.70
C ASN A 355 -17.10 20.95 -14.22
N GLU A 356 -16.37 20.13 -14.95
CA GLU A 356 -16.54 20.08 -16.41
C GLU A 356 -17.52 18.97 -16.77
N ASN A 357 -17.76 18.09 -15.79
CA ASN A 357 -18.66 16.97 -15.95
C ASN A 357 -18.34 16.15 -17.21
N VAL A 358 -17.06 16.13 -17.56
CA VAL A 358 -16.57 15.39 -18.73
C VAL A 358 -15.55 14.35 -18.24
N SER A 359 -15.37 13.26 -18.98
CA SER A 359 -14.42 12.24 -18.56
C SER A 359 -12.99 12.71 -18.77
N SER A 360 -12.07 12.12 -18.01
CA SER A 360 -10.67 12.44 -18.07
C SER A 360 -10.17 12.32 -19.51
N ALA A 361 -10.54 11.24 -20.19
CA ALA A 361 -10.12 11.03 -21.57
C ALA A 361 -10.54 12.19 -22.45
N GLU A 362 -11.80 12.61 -22.33
CA GLU A 362 -12.27 13.71 -23.14
C GLU A 362 -11.57 15.00 -22.75
N LEU A 363 -11.54 15.27 -21.45
CA LEU A 363 -10.90 16.48 -20.90
C LEU A 363 -9.54 16.73 -21.53
N PHE A 364 -8.71 15.69 -21.53
CA PHE A 364 -7.37 15.78 -22.09
C PHE A 364 -7.40 16.04 -23.59
N ASP A 365 -8.35 15.42 -24.26
CA ASP A 365 -8.45 15.63 -25.69
C ASP A 365 -8.71 17.08 -26.04
N ARG A 366 -9.22 17.87 -25.09
CA ARG A 366 -9.47 19.28 -25.38
C ARG A 366 -8.17 20.05 -25.64
N LEU A 367 -7.03 19.40 -25.48
CA LEU A 367 -5.72 20.06 -25.68
C LEU A 367 -5.11 19.82 -27.07
N PRO A 368 -4.24 20.74 -27.51
CA PRO A 368 -3.59 20.60 -28.81
C PRO A 368 -2.80 19.29 -28.81
N LYS A 369 -2.82 18.56 -29.93
CA LYS A 369 -2.11 17.30 -30.02
C LYS A 369 -0.78 17.47 -30.75
N TYR A 370 0.32 17.11 -30.08
CA TYR A 370 1.68 17.20 -30.64
C TYR A 370 2.41 15.86 -30.52
N TYR A 371 3.25 15.56 -31.50
CA TYR A 371 4.02 14.32 -31.49
C TYR A 371 5.45 14.63 -31.10
N LEU A 372 5.97 13.87 -30.16
CA LEU A 372 7.32 14.08 -29.67
C LEU A 372 8.33 13.11 -30.19
N VAL A 373 9.51 13.64 -30.50
CA VAL A 373 10.64 12.87 -30.99
C VAL A 373 11.82 13.47 -30.24
N LYS A 374 12.54 12.64 -29.49
CA LYS A 374 13.67 13.11 -28.70
C LYS A 374 14.91 12.30 -29.05
N THR A 375 16.07 12.68 -28.53
CA THR A 375 17.35 11.99 -28.76
C THR A 375 18.52 12.57 -27.99
N LYS A 376 19.57 11.77 -27.83
CA LYS A 376 20.77 12.22 -27.14
C LYS A 376 21.92 12.08 -28.13
N VAL A 377 22.80 13.07 -28.20
CA VAL A 377 23.96 12.97 -29.08
C VAL A 377 25.18 13.48 -28.33
N ASP A 378 26.24 12.70 -28.38
CA ASP A 378 27.47 13.01 -27.68
C ASP A 378 28.07 14.29 -28.16
N LEU A 379 28.76 14.96 -27.26
CA LEU A 379 29.40 16.21 -27.59
C LEU A 379 30.82 15.83 -28.00
N LYS A 380 31.12 15.99 -29.28
CA LYS A 380 32.44 15.67 -29.80
C LYS A 380 33.46 16.63 -29.17
N PRO A 381 34.66 16.13 -28.84
CA PRO A 381 35.67 17.02 -28.24
C PRO A 381 36.09 18.07 -29.26
N GLY A 382 36.53 19.22 -28.78
CA GLY A 382 36.94 20.26 -29.71
C GLY A 382 35.76 20.83 -30.46
N LEU A 383 34.62 20.82 -29.77
CA LEU A 383 33.38 21.35 -30.30
C LEU A 383 32.72 21.95 -29.08
N MET A 384 32.44 23.26 -29.13
CA MET A 384 31.81 23.91 -27.99
C MET A 384 30.31 24.04 -28.19
N VAL A 385 29.57 23.67 -27.15
CA VAL A 385 28.13 23.74 -27.18
C VAL A 385 27.66 25.13 -27.62
N GLU A 386 28.42 26.16 -27.24
CA GLU A 386 28.08 27.52 -27.62
C GLU A 386 28.09 27.70 -29.13
N GLU A 387 28.86 26.87 -29.82
CA GLU A 387 28.93 26.93 -31.28
C GLU A 387 27.70 26.30 -31.93
N ILE A 388 27.24 25.21 -31.34
CA ILE A 388 26.06 24.51 -31.85
C ILE A 388 24.92 25.52 -31.72
N TYR A 389 24.77 26.06 -30.52
CA TYR A 389 23.75 27.04 -30.23
C TYR A 389 23.77 28.14 -31.29
N LYS A 390 24.91 28.81 -31.42
CA LYS A 390 25.07 29.86 -32.43
C LYS A 390 24.53 29.46 -33.80
N LYS A 391 24.80 28.21 -34.19
CA LYS A 391 24.38 27.70 -35.49
C LYS A 391 22.88 27.51 -35.62
N ILE A 392 22.33 26.52 -34.92
CA ILE A 392 20.90 26.24 -35.00
C ILE A 392 20.12 27.50 -34.85
N LEU A 393 20.67 28.41 -34.07
CA LEU A 393 20.02 29.67 -33.85
C LEU A 393 19.96 30.44 -35.16
N GLU A 394 21.13 30.69 -35.75
CA GLU A 394 21.17 31.43 -36.99
C GLU A 394 20.76 30.64 -38.21
N VAL A 395 20.06 29.54 -38.01
CA VAL A 395 19.57 28.75 -39.13
C VAL A 395 18.09 28.49 -38.91
N TYR A 396 17.65 28.51 -37.65
CA TYR A 396 16.23 28.28 -37.39
C TYR A 396 15.47 29.53 -36.96
N SER A 397 16.18 30.52 -36.44
CA SER A 397 15.55 31.76 -36.10
C SER A 397 14.91 32.33 -37.38
N THR A 398 13.97 33.24 -37.24
CA THR A 398 13.28 33.77 -38.37
C THR A 398 12.18 34.65 -37.80
N SER A 399 11.88 35.82 -38.34
CA SER A 399 10.74 36.61 -37.82
C SER A 399 9.45 35.79 -37.82
N SER A 400 9.49 34.60 -38.43
CA SER A 400 8.33 33.70 -38.49
C SER A 400 8.13 33.11 -37.08
N VAL A 401 9.18 32.46 -36.58
CA VAL A 401 9.18 31.83 -35.27
C VAL A 401 9.73 32.76 -34.18
N LYS A 402 9.98 32.20 -32.99
CA LYS A 402 10.54 32.95 -31.88
C LYS A 402 11.52 32.09 -31.09
N ALA A 403 12.63 32.70 -30.68
CA ALA A 403 13.64 31.95 -29.97
C ALA A 403 13.78 32.29 -28.49
N ILE A 404 14.10 31.26 -27.71
CA ILE A 404 14.29 31.40 -26.28
C ILE A 404 15.60 30.72 -25.91
N THR A 405 16.57 31.52 -25.52
CA THR A 405 17.86 30.97 -25.16
C THR A 405 18.20 31.08 -23.68
N ILE A 406 17.16 31.14 -22.84
CA ILE A 406 17.40 31.24 -21.40
C ILE A 406 18.05 29.95 -20.85
N ASP A 407 18.02 28.88 -21.64
CA ASP A 407 18.59 27.59 -21.23
C ASP A 407 18.65 26.68 -22.47
N GLY A 408 19.79 26.68 -23.14
CA GLY A 408 19.91 25.90 -24.34
C GLY A 408 19.30 26.76 -25.43
N VAL A 409 18.54 26.15 -26.33
CA VAL A 409 17.89 26.89 -27.39
C VAL A 409 16.56 26.28 -27.73
N LYS A 410 15.51 27.03 -27.47
CA LYS A 410 14.16 26.57 -27.76
C LYS A 410 13.63 27.41 -28.89
N ILE A 411 13.07 26.74 -29.89
CA ILE A 411 12.49 27.47 -30.99
C ILE A 411 11.04 27.09 -31.13
N ILE A 412 10.21 28.11 -31.23
CA ILE A 412 8.79 27.89 -31.37
C ILE A 412 8.25 28.46 -32.67
N GLY A 413 7.60 27.59 -33.43
CA GLY A 413 7.01 27.94 -34.70
C GLY A 413 5.58 27.44 -34.76
N LYS A 414 4.87 27.77 -35.83
CA LYS A 414 3.50 27.33 -35.98
C LYS A 414 3.40 25.81 -35.96
N ASP A 415 2.73 25.28 -34.96
CA ASP A 415 2.56 23.84 -34.85
C ASP A 415 3.81 22.99 -34.72
N PHE A 416 4.86 23.53 -34.11
CA PHE A 416 6.09 22.75 -33.90
C PHE A 416 7.00 23.55 -33.01
N TRP A 417 7.88 22.86 -32.29
CA TRP A 417 8.85 23.54 -31.44
C TRP A 417 9.94 22.53 -31.12
N PHE A 418 11.08 23.02 -30.67
CA PHE A 418 12.16 22.13 -30.27
C PHE A 418 13.04 22.79 -29.22
N LEU A 419 13.80 21.96 -28.51
CA LEU A 419 14.74 22.38 -27.48
C LEU A 419 16.02 21.57 -27.63
N VAL A 420 17.13 22.27 -27.78
CA VAL A 420 18.43 21.61 -27.87
C VAL A 420 19.14 22.11 -26.62
N ARG A 421 19.34 21.21 -25.66
CA ARG A 421 19.96 21.58 -24.40
C ARG A 421 21.09 20.65 -23.97
N LYS A 422 22.16 21.25 -23.46
CA LYS A 422 23.33 20.52 -22.99
C LYS A 422 23.05 19.82 -21.66
N SER A 423 23.39 18.54 -21.57
CA SER A 423 23.18 17.82 -20.32
C SER A 423 24.22 18.28 -19.34
N GLY A 424 23.89 18.23 -18.05
CA GLY A 424 24.83 18.64 -17.02
C GLY A 424 25.40 17.44 -16.29
N THR A 425 24.84 16.28 -16.61
CA THR A 425 25.22 15.02 -16.01
C THR A 425 26.04 14.13 -16.93
N GLU A 426 25.78 14.24 -18.22
CA GLU A 426 26.48 13.44 -19.22
C GLU A 426 27.09 14.35 -20.28
N PRO A 427 28.16 13.90 -20.94
CA PRO A 427 28.81 14.71 -21.99
C PRO A 427 27.95 14.56 -23.22
N ILE A 428 26.70 15.01 -23.11
CA ILE A 428 25.73 14.83 -24.18
C ILE A 428 24.77 16.00 -24.39
N ILE A 429 24.29 16.16 -25.62
CA ILE A 429 23.31 17.21 -25.91
C ILE A 429 21.99 16.51 -26.21
N ARG A 430 20.95 16.88 -25.46
CA ARG A 430 19.63 16.30 -25.64
C ARG A 430 18.92 17.08 -26.73
N ILE A 431 18.27 16.39 -27.64
CA ILE A 431 17.52 17.03 -28.70
C ILE A 431 16.09 16.55 -28.64
N MET A 432 15.16 17.44 -28.38
CA MET A 432 13.76 17.04 -28.37
C MET A 432 12.99 18.03 -29.23
N ALA A 433 12.03 17.50 -29.98
CA ALA A 433 11.21 18.32 -30.85
C ALA A 433 9.88 17.63 -31.07
N GLU A 434 8.81 18.40 -31.13
CA GLU A 434 7.50 17.85 -31.40
C GLU A 434 6.72 18.83 -32.27
N ALA A 435 5.71 18.30 -32.97
CA ALA A 435 4.85 19.12 -33.82
C ALA A 435 3.52 18.43 -34.03
N LYS A 436 2.53 19.17 -34.53
CA LYS A 436 1.20 18.60 -34.78
C LYS A 436 1.25 17.60 -35.92
N ASP A 437 2.39 17.58 -36.59
CA ASP A 437 2.66 16.69 -37.72
C ASP A 437 3.92 15.86 -37.37
N GLU A 438 3.69 14.62 -36.94
CA GLU A 438 4.77 13.71 -36.53
C GLU A 438 6.01 13.69 -37.44
N ASN A 439 5.80 13.86 -38.73
CA ASN A 439 6.90 13.83 -39.69
C ASN A 439 7.78 15.08 -39.70
N VAL A 440 7.19 16.27 -39.52
CA VAL A 440 8.02 17.46 -39.52
C VAL A 440 8.85 17.43 -38.24
N ALA A 441 8.37 16.69 -37.24
CA ALA A 441 9.08 16.59 -35.98
C ALA A 441 10.27 15.64 -36.11
N ASN A 442 10.03 14.47 -36.68
CA ASN A 442 11.10 13.52 -36.86
C ASN A 442 12.19 14.15 -37.71
N ASN A 443 11.75 14.78 -38.79
CA ASN A 443 12.63 15.47 -39.71
C ASN A 443 13.45 16.50 -38.94
N LEU A 444 12.75 17.31 -38.13
CA LEU A 444 13.40 18.34 -37.31
C LEU A 444 14.57 17.79 -36.52
N VAL A 445 14.28 16.72 -35.77
CA VAL A 445 15.28 16.09 -34.94
C VAL A 445 16.49 15.73 -35.78
N ASN A 446 16.25 15.14 -36.94
CA ASN A 446 17.33 14.73 -37.83
C ASN A 446 18.24 15.87 -38.20
N GLU A 447 17.64 16.97 -38.67
CA GLU A 447 18.43 18.15 -39.04
C GLU A 447 19.27 18.59 -37.84
N LEU A 448 18.60 18.81 -36.72
CA LEU A 448 19.28 19.23 -35.52
C LEU A 448 20.44 18.30 -35.16
N LYS A 449 20.16 16.99 -35.16
CA LYS A 449 21.18 15.98 -34.83
C LYS A 449 22.45 16.25 -35.64
N LYS A 450 22.27 16.54 -36.93
CA LYS A 450 23.40 16.84 -37.79
C LYS A 450 24.20 18.00 -37.25
N ILE A 451 23.55 19.15 -37.13
CA ILE A 451 24.18 20.38 -36.63
C ILE A 451 24.90 20.17 -35.30
N VAL A 452 24.26 19.43 -34.41
CA VAL A 452 24.83 19.16 -33.09
C VAL A 452 26.08 18.35 -33.29
N GLU A 453 26.03 17.48 -34.29
CA GLU A 453 27.17 16.64 -34.60
C GLU A 453 28.27 17.47 -35.23
N GLY A 454 28.05 18.78 -35.30
CA GLY A 454 29.03 19.66 -35.91
C GLY A 454 28.93 19.31 -37.38
N LYS A 455 27.74 18.80 -37.73
CA LYS A 455 27.41 18.35 -39.08
C LYS A 455 28.23 17.10 -39.44
N MET B 1 -21.71 -11.39 15.08
CA MET B 1 -21.42 -11.60 16.49
C MET B 1 -21.56 -10.27 17.30
N GLY B 2 -22.67 -9.50 17.04
CA GLY B 2 -23.11 -8.23 17.71
C GLY B 2 -23.57 -8.75 19.02
N LYS B 3 -22.53 -9.34 19.58
CA LYS B 3 -22.62 -10.19 20.68
C LYS B 3 -21.56 -10.06 21.69
N LEU B 4 -21.27 -11.24 22.20
CA LEU B 4 -20.22 -11.52 23.11
C LEU B 4 -19.36 -12.48 22.32
N PHE B 5 -18.61 -13.35 22.94
CA PHE B 5 -17.76 -14.23 22.15
C PHE B 5 -18.49 -15.17 21.16
N GLY B 6 -17.95 -15.28 19.89
CA GLY B 6 -18.43 -16.17 18.82
C GLY B 6 -17.34 -17.02 18.13
N THR B 7 -17.41 -17.12 16.79
CA THR B 7 -16.46 -17.89 15.98
C THR B 7 -15.02 -17.42 16.17
N ASP B 8 -14.85 -16.09 16.15
CA ASP B 8 -13.53 -15.49 16.33
C ASP B 8 -13.40 -14.62 17.60
N GLY B 9 -14.52 -14.10 18.11
CA GLY B 9 -14.46 -13.28 19.32
C GLY B 9 -15.61 -12.31 19.54
N VAL B 10 -15.34 -11.23 20.28
CA VAL B 10 -16.34 -10.20 20.58
C VAL B 10 -16.35 -9.12 19.49
N ARG B 11 -17.40 -9.04 18.69
CA ARG B 11 -17.47 -8.07 17.60
C ARG B 11 -18.70 -7.18 17.63
N GLY B 12 -18.67 -6.08 16.87
CA GLY B 12 -19.80 -5.17 16.80
C GLY B 12 -19.46 -3.85 16.12
N ILE B 13 -20.46 -3.13 15.61
CA ILE B 13 -20.21 -1.84 14.97
C ILE B 13 -19.52 -0.98 16.02
N VAL B 14 -18.35 -0.47 15.70
CA VAL B 14 -17.59 0.31 16.67
C VAL B 14 -18.25 1.63 17.05
N ASN B 15 -18.14 1.98 18.33
CA ASN B 15 -18.67 3.23 18.88
C ASN B 15 -20.21 3.32 18.88
N LYS B 16 -20.88 2.20 18.59
CA LYS B 16 -22.34 2.13 18.57
C LYS B 16 -22.65 0.89 19.40
N GLU B 17 -22.35 -0.28 18.86
CA GLU B 17 -22.55 -1.53 19.60
C GLU B 17 -21.32 -1.63 20.48
N LEU B 18 -20.19 -2.01 19.86
CA LEU B 18 -18.91 -2.14 20.57
C LEU B 18 -18.58 -0.72 21.00
N THR B 19 -18.62 -0.49 22.30
CA THR B 19 -18.36 0.83 22.85
C THR B 19 -17.18 0.86 23.79
N PRO B 20 -16.67 2.06 24.04
CA PRO B 20 -15.52 2.20 24.94
C PRO B 20 -15.83 1.51 26.27
N GLU B 21 -16.93 1.89 26.91
CA GLU B 21 -17.33 1.32 28.19
C GLU B 21 -17.46 -0.19 28.13
N LEU B 22 -17.85 -0.71 26.98
CA LEU B 22 -17.99 -2.15 26.88
C LEU B 22 -16.62 -2.81 26.90
N VAL B 23 -15.71 -2.27 26.08
CA VAL B 23 -14.37 -2.81 25.97
C VAL B 23 -13.65 -2.62 27.29
N LEU B 24 -13.85 -1.47 27.93
CA LEU B 24 -13.22 -1.21 29.22
C LEU B 24 -13.53 -2.38 30.14
N LYS B 25 -14.83 -2.64 30.32
CA LYS B 25 -15.27 -3.73 31.18
C LYS B 25 -14.67 -5.04 30.73
N LEU B 26 -14.83 -5.38 29.46
CA LEU B 26 -14.26 -6.63 28.98
C LEU B 26 -12.76 -6.69 29.29
N SER B 27 -12.08 -5.55 29.19
CA SER B 27 -10.65 -5.48 29.48
C SER B 27 -10.31 -5.93 30.89
N LYS B 28 -11.02 -5.36 31.87
CA LYS B 28 -10.80 -5.71 33.28
C LYS B 28 -11.10 -7.18 33.48
N ALA B 29 -12.09 -7.66 32.75
CA ALA B 29 -12.45 -9.06 32.83
C ALA B 29 -11.29 -9.89 32.30
N ILE B 30 -10.79 -9.48 31.13
CA ILE B 30 -9.68 -10.18 30.50
C ILE B 30 -8.43 -10.16 31.35
N GLY B 31 -8.12 -8.97 31.87
CA GLY B 31 -6.95 -8.84 32.71
C GLY B 31 -7.09 -9.68 33.95
N THR B 32 -8.26 -9.60 34.57
CA THR B 32 -8.51 -10.38 35.78
C THR B 32 -8.34 -11.86 35.47
N PHE B 33 -8.82 -12.28 34.32
CA PHE B 33 -8.69 -13.66 33.92
C PHE B 33 -7.22 -14.09 33.85
N PHE B 34 -6.41 -13.28 33.18
CA PHE B 34 -4.99 -13.59 32.99
C PHE B 34 -4.12 -13.57 34.24
N GLY B 35 -4.52 -12.78 35.23
CA GLY B 35 -3.76 -12.72 36.46
C GLY B 35 -3.02 -11.40 36.65
N LYS B 36 -2.96 -10.93 37.90
CA LYS B 36 -2.24 -9.68 38.17
C LYS B 36 -0.79 -9.99 37.77
N ASN B 37 -0.12 -9.03 37.13
CA ASN B 37 1.27 -9.17 36.70
C ASN B 37 1.51 -10.02 35.48
N SER B 38 0.45 -10.35 34.76
CA SER B 38 0.66 -11.14 33.56
C SER B 38 1.19 -10.18 32.48
N LYS B 39 1.97 -10.70 31.54
CA LYS B 39 2.51 -9.90 30.46
C LYS B 39 1.61 -10.12 29.25
N ILE B 40 0.87 -9.09 28.88
CA ILE B 40 -0.04 -9.22 27.77
C ILE B 40 0.28 -8.28 26.65
N LEU B 41 0.34 -8.84 25.44
CA LEU B 41 0.67 -8.09 24.24
C LEU B 41 -0.59 -7.64 23.57
N VAL B 42 -0.73 -6.33 23.40
CA VAL B 42 -1.89 -5.75 22.74
C VAL B 42 -1.51 -5.36 21.32
N GLY B 43 -2.38 -5.72 20.36
CA GLY B 43 -2.11 -5.40 18.96
C GLY B 43 -3.42 -5.11 18.27
N ARG B 44 -3.39 -4.71 17.00
CA ARG B 44 -4.62 -4.42 16.26
C ARG B 44 -4.43 -4.44 14.74
N ASP B 45 -5.54 -4.41 14.02
CA ASP B 45 -5.48 -4.41 12.58
C ASP B 45 -5.79 -2.98 12.16
N VAL B 46 -6.19 -2.80 10.93
CA VAL B 46 -6.44 -1.45 10.45
C VAL B 46 -7.76 -0.82 10.85
N ARG B 47 -8.76 -1.66 11.16
CA ARG B 47 -10.12 -1.19 11.47
C ARG B 47 -10.37 0.12 12.22
N ALA B 48 -11.49 0.74 11.86
CA ALA B 48 -11.98 2.02 12.36
C ALA B 48 -11.97 2.38 13.85
N GLY B 49 -11.94 1.44 14.76
CA GLY B 49 -11.89 1.93 16.13
C GLY B 49 -10.59 1.53 16.79
N GLY B 50 -9.60 1.22 15.97
CA GLY B 50 -8.31 0.76 16.46
C GLY B 50 -7.58 1.58 17.49
N ASP B 51 -7.28 2.82 17.14
CA ASP B 51 -6.58 3.68 18.06
C ASP B 51 -7.35 3.88 19.36
N MET B 52 -8.64 4.23 19.23
CA MET B 52 -9.49 4.47 20.36
C MET B 52 -9.61 3.27 21.28
N LEU B 53 -9.77 2.09 20.70
CA LEU B 53 -9.88 0.90 21.49
C LEU B 53 -8.60 0.49 22.20
N VAL B 54 -7.45 0.66 21.54
CA VAL B 54 -6.17 0.26 22.15
C VAL B 54 -5.93 1.06 23.42
N LYS B 55 -6.35 2.32 23.45
CA LYS B 55 -6.19 3.09 24.67
C LYS B 55 -7.02 2.47 25.81
N ILE B 56 -8.30 2.23 25.55
CA ILE B 56 -9.17 1.63 26.54
C ILE B 56 -8.69 0.25 26.95
N VAL B 57 -8.28 -0.58 26.01
CA VAL B 57 -7.82 -1.91 26.40
C VAL B 57 -6.66 -1.74 27.35
N GLU B 58 -5.78 -0.80 27.04
CA GLU B 58 -4.62 -0.53 27.86
C GLU B 58 -4.98 0.05 29.21
N GLY B 59 -5.91 1.00 29.25
CA GLY B 59 -6.31 1.54 30.53
C GLY B 59 -6.93 0.44 31.40
N GLY B 60 -7.84 -0.32 30.80
CA GLY B 60 -8.48 -1.39 31.53
C GLY B 60 -7.50 -2.41 32.10
N LEU B 61 -6.56 -2.87 31.29
CA LEU B 61 -5.62 -3.88 31.80
C LEU B 61 -4.69 -3.40 32.92
N LEU B 62 -4.45 -2.08 32.97
CA LEU B 62 -3.58 -1.54 34.00
C LEU B 62 -4.33 -1.49 35.31
N SER B 63 -5.63 -1.22 35.22
CA SER B 63 -6.47 -1.13 36.41
C SER B 63 -6.54 -2.48 37.12
N VAL B 64 -6.32 -3.57 36.40
CA VAL B 64 -6.37 -4.87 37.06
C VAL B 64 -4.99 -5.53 37.16
N GLY B 65 -3.97 -4.67 37.24
CA GLY B 65 -2.60 -5.12 37.41
C GLY B 65 -1.81 -5.82 36.31
N VAL B 66 -2.26 -5.76 35.05
CA VAL B 66 -1.52 -6.42 33.97
C VAL B 66 -0.31 -5.62 33.50
N GLU B 67 0.79 -6.28 33.12
CA GLU B 67 1.95 -5.57 32.60
C GLU B 67 1.69 -5.55 31.10
N VAL B 68 1.15 -4.43 30.64
CA VAL B 68 0.76 -4.20 29.25
C VAL B 68 1.88 -3.88 28.26
N TYR B 69 1.77 -4.47 27.07
CA TYR B 69 2.74 -4.25 26.01
C TYR B 69 2.03 -3.94 24.73
N ASP B 70 2.42 -2.84 24.09
CA ASP B 70 1.81 -2.46 22.84
C ASP B 70 2.61 -2.94 21.63
N GLY B 71 1.97 -3.68 20.73
CA GLY B 71 2.68 -4.17 19.59
C GLY B 71 2.27 -3.54 18.26
N GLY B 72 1.51 -2.45 18.31
CA GLY B 72 1.07 -1.79 17.09
C GLY B 72 0.18 -2.57 16.14
N MET B 73 0.17 -2.15 14.87
CA MET B 73 -0.61 -2.79 13.83
C MET B 73 0.16 -3.95 13.24
N ALA B 74 -0.52 -5.09 13.09
CA ALA B 74 0.08 -6.28 12.53
C ALA B 74 -0.99 -7.32 12.30
N PRO B 75 -0.68 -8.33 11.46
CA PRO B 75 -1.66 -9.37 11.17
C PRO B 75 -1.91 -10.14 12.49
N THR B 76 -3.08 -10.77 12.60
CA THR B 76 -3.39 -11.55 13.80
C THR B 76 -2.38 -12.69 13.96
N PRO B 77 -2.09 -13.42 12.88
CA PRO B 77 -1.11 -14.52 13.01
C PRO B 77 0.24 -13.98 13.56
N ALA B 78 0.57 -12.72 13.25
CA ALA B 78 1.81 -12.09 13.73
C ALA B 78 1.74 -11.89 15.26
N LEU B 79 0.69 -11.24 15.76
CA LEU B 79 0.51 -11.02 17.20
C LEU B 79 0.47 -12.37 17.90
N GLN B 80 -0.13 -13.37 17.25
CA GLN B 80 -0.20 -14.68 17.86
C GLN B 80 1.17 -15.32 17.93
N TYR B 81 1.91 -15.28 16.82
CA TYR B 81 3.24 -15.84 16.78
C TYR B 81 4.12 -15.15 17.83
N ALA B 82 3.78 -13.90 18.09
CA ALA B 82 4.49 -13.10 19.07
C ALA B 82 4.32 -13.61 20.49
N VAL B 83 3.09 -13.59 21.02
CA VAL B 83 2.91 -14.04 22.39
C VAL B 83 3.41 -15.47 22.56
N LYS B 84 3.33 -16.27 21.49
CA LYS B 84 3.80 -17.66 21.52
C LYS B 84 5.31 -17.77 21.63
N THR B 85 6.02 -17.09 20.75
CA THR B 85 7.47 -17.18 20.77
C THR B 85 8.19 -16.11 21.59
N LEU B 86 7.53 -14.99 21.87
CA LEU B 86 8.17 -13.93 22.61
C LEU B 86 7.96 -13.95 24.12
N GLY B 87 7.55 -15.10 24.65
CA GLY B 87 7.37 -15.23 26.10
C GLY B 87 6.23 -14.51 26.80
N TYR B 88 5.22 -14.10 26.05
CA TYR B 88 4.06 -13.41 26.61
C TYR B 88 3.08 -14.36 27.33
N ASP B 89 2.31 -13.81 28.25
CA ASP B 89 1.34 -14.63 28.95
C ASP B 89 0.01 -14.75 28.19
N GLY B 90 -0.15 -13.92 27.18
CA GLY B 90 -1.37 -13.94 26.39
C GLY B 90 -1.38 -12.64 25.62
N GLY B 91 -2.47 -12.38 24.90
CA GLY B 91 -2.56 -11.15 24.15
C GLY B 91 -3.99 -10.89 23.74
N VAL B 92 -4.26 -9.67 23.35
CA VAL B 92 -5.60 -9.30 22.92
C VAL B 92 -5.48 -8.45 21.67
N VAL B 93 -6.08 -8.95 20.61
CA VAL B 93 -6.09 -8.29 19.31
C VAL B 93 -7.39 -7.52 19.13
N ILE B 94 -7.30 -6.28 18.67
CA ILE B 94 -8.50 -5.49 18.39
C ILE B 94 -8.79 -5.82 16.93
N THR B 95 -9.86 -6.56 16.69
CA THR B 95 -10.18 -6.97 15.32
C THR B 95 -11.57 -7.61 15.15
N ALA B 96 -12.02 -7.73 13.91
CA ALA B 96 -13.30 -8.35 13.59
C ALA B 96 -13.10 -9.16 12.31
N SER B 97 -12.07 -10.01 12.32
CA SER B 97 -11.66 -10.85 11.19
C SER B 97 -12.19 -10.49 9.79
N HIS B 98 -13.42 -10.87 9.48
CA HIS B 98 -13.98 -10.61 8.13
C HIS B 98 -15.15 -9.59 8.01
N ASN B 99 -15.84 -9.31 9.11
CA ASN B 99 -16.96 -8.37 9.07
C ASN B 99 -16.63 -7.08 8.30
N PRO B 100 -17.66 -6.37 7.84
CA PRO B 100 -17.49 -5.12 7.10
C PRO B 100 -16.82 -4.01 7.89
N ALA B 101 -16.51 -2.92 7.20
CA ALA B 101 -15.82 -1.77 7.80
C ALA B 101 -16.28 -1.25 9.14
N PRO B 102 -17.59 -1.04 9.33
CA PRO B 102 -18.09 -0.53 10.61
C PRO B 102 -17.85 -1.38 11.87
N TYR B 103 -17.55 -2.66 11.68
CA TYR B 103 -17.30 -3.58 12.79
C TYR B 103 -15.85 -3.65 13.26
N ASN B 104 -15.67 -3.89 14.56
CA ASN B 104 -14.36 -4.06 15.15
C ASN B 104 -14.56 -5.03 16.29
N GLY B 105 -13.50 -5.50 16.91
CA GLY B 105 -13.71 -6.45 18.00
C GLY B 105 -12.55 -6.68 18.95
N ILE B 106 -12.60 -7.84 19.62
CA ILE B 106 -11.59 -8.21 20.60
C ILE B 106 -11.33 -9.72 20.56
N LYS B 107 -10.18 -10.15 20.05
CA LYS B 107 -9.87 -11.58 20.07
C LYS B 107 -8.88 -11.72 21.22
N VAL B 108 -8.99 -12.78 22.01
CA VAL B 108 -8.07 -13.00 23.12
C VAL B 108 -7.27 -14.26 22.87
N VAL B 109 -5.96 -14.17 23.01
CA VAL B 109 -5.13 -15.32 22.76
C VAL B 109 -4.44 -15.73 24.05
N ASP B 110 -4.11 -17.00 24.15
CA ASP B 110 -3.50 -17.58 25.34
C ASP B 110 -2.00 -17.80 25.19
N LYS B 111 -1.35 -18.32 26.23
CA LYS B 111 0.08 -18.59 26.22
C LYS B 111 0.57 -19.26 24.93
N ASP B 112 0.06 -20.44 24.64
CA ASP B 112 0.45 -21.17 23.44
C ASP B 112 0.36 -20.33 22.15
N GLY B 113 -0.34 -19.20 22.19
CA GLY B 113 -0.44 -18.38 21.01
C GLY B 113 -1.70 -18.63 20.20
N ILE B 114 -2.51 -19.56 20.66
CA ILE B 114 -3.75 -19.90 19.98
C ILE B 114 -4.87 -19.14 20.64
N GLU B 115 -5.98 -18.95 19.93
CA GLU B 115 -7.11 -18.24 20.53
C GLU B 115 -7.57 -19.08 21.72
N ILE B 116 -8.20 -18.46 22.70
CA ILE B 116 -8.65 -19.22 23.87
C ILE B 116 -9.84 -20.13 23.58
N ARG B 117 -9.80 -21.30 24.21
CA ARG B 117 -10.82 -22.33 24.08
C ARG B 117 -12.16 -21.82 24.62
N ARG B 118 -13.24 -22.20 23.95
CA ARG B 118 -14.60 -21.79 24.35
C ARG B 118 -14.76 -21.74 25.87
N GLU B 119 -14.20 -22.73 26.55
CA GLU B 119 -14.28 -22.85 28.01
C GLU B 119 -13.78 -21.61 28.73
N LYS B 120 -12.50 -21.34 28.57
CA LYS B 120 -11.91 -20.17 29.19
C LYS B 120 -12.64 -18.90 28.74
N GLU B 121 -13.12 -18.89 27.49
CA GLU B 121 -13.87 -17.73 26.99
C GLU B 121 -14.98 -17.44 27.98
N ASN B 122 -15.62 -18.50 28.46
CA ASN B 122 -16.73 -18.41 29.39
C ASN B 122 -16.38 -17.82 30.75
N GLU B 123 -15.22 -18.16 31.27
CA GLU B 123 -14.83 -17.60 32.55
C GLU B 123 -14.71 -16.08 32.38
N ILE B 124 -14.21 -15.66 31.23
CA ILE B 124 -14.05 -14.23 31.00
C ILE B 124 -15.42 -13.57 30.91
N GLU B 125 -16.37 -14.27 30.29
CA GLU B 125 -17.73 -13.76 30.16
C GLU B 125 -18.37 -13.69 31.55
N ASP B 126 -18.16 -14.73 32.34
CA ASP B 126 -18.70 -14.75 33.69
C ASP B 126 -18.08 -13.61 34.51
N LEU B 127 -16.78 -13.40 34.33
CA LEU B 127 -16.06 -12.32 35.01
C LEU B 127 -16.58 -10.98 34.54
N PHE B 128 -16.95 -10.92 33.26
CA PHE B 128 -17.48 -9.70 32.68
C PHE B 128 -18.77 -9.32 33.36
N PHE B 129 -19.52 -10.35 33.78
CA PHE B 129 -20.82 -10.21 34.44
C PHE B 129 -20.73 -10.03 35.95
N THR B 130 -20.11 -10.98 36.64
CA THR B 130 -19.99 -10.91 38.09
C THR B 130 -19.13 -9.72 38.51
N GLU B 131 -18.29 -9.24 37.58
CA GLU B 131 -17.39 -8.12 37.81
C GLU B 131 -16.41 -8.26 38.96
N ARG B 132 -15.97 -9.49 39.23
CA ARG B 132 -15.00 -9.73 40.30
C ARG B 132 -13.63 -9.39 39.72
N PHE B 133 -13.37 -8.10 39.55
CA PHE B 133 -12.12 -7.65 38.96
C PHE B 133 -10.89 -7.48 39.84
N ASN B 134 -9.77 -7.99 39.35
CA ASN B 134 -8.51 -7.91 40.05
C ASN B 134 -8.08 -6.45 40.22
N THR B 135 -9.05 -5.56 40.43
CA THR B 135 -8.75 -4.15 40.62
C THR B 135 -7.66 -4.01 41.66
N ILE B 136 -6.66 -3.17 41.40
CA ILE B 136 -5.56 -3.02 42.33
C ILE B 136 -5.47 -1.72 43.11
N GLU B 137 -4.55 -1.75 44.07
CA GLU B 137 -4.22 -0.64 44.98
C GLU B 137 -3.63 0.60 44.32
N TRP B 138 -4.17 1.77 44.62
CA TRP B 138 -3.62 2.99 44.04
C TRP B 138 -2.09 2.91 44.09
N SER B 139 -1.56 2.47 45.24
CA SER B 139 -0.13 2.40 45.44
C SER B 139 0.62 1.45 44.53
N SER B 140 -0.07 0.55 43.84
CA SER B 140 0.65 -0.34 42.93
C SER B 140 0.32 -0.02 41.47
N LEU B 141 -0.43 1.05 41.30
CA LEU B 141 -0.84 1.51 39.97
C LEU B 141 0.28 2.42 39.47
N THR B 142 1.48 1.87 39.31
CA THR B 142 2.60 2.68 38.88
C THR B 142 3.29 2.10 37.65
N THR B 143 2.53 1.61 36.69
CA THR B 143 3.16 1.02 35.53
C THR B 143 2.82 1.64 34.18
N GLU B 144 3.86 1.84 33.35
CA GLU B 144 3.74 2.39 32.02
C GLU B 144 3.53 1.23 31.07
N VAL B 145 2.77 1.46 30.01
CA VAL B 145 2.58 0.40 29.04
C VAL B 145 3.87 0.47 28.23
N LYS B 146 4.43 -0.68 27.89
CA LYS B 146 5.68 -0.73 27.15
C LYS B 146 5.48 -0.99 25.66
N ARG B 147 6.47 -0.67 24.84
CA ARG B 147 6.37 -0.91 23.41
C ARG B 147 7.11 -2.20 23.07
N GLU B 148 6.56 -2.93 22.10
CA GLU B 148 7.13 -4.18 21.59
C GLU B 148 7.23 -3.98 20.08
N ASP B 149 8.46 -3.86 19.61
CA ASP B 149 8.74 -3.59 18.21
C ASP B 149 9.26 -4.77 17.43
N ARG B 150 9.03 -5.99 17.88
CA ARG B 150 9.56 -7.17 17.21
C ARG B 150 8.52 -8.05 16.53
N VAL B 151 7.26 -7.74 16.79
CA VAL B 151 6.15 -8.54 16.29
C VAL B 151 6.19 -8.90 14.81
N ILE B 152 6.39 -7.94 13.91
CA ILE B 152 6.45 -8.28 12.47
C ILE B 152 7.73 -9.01 12.03
N SER B 153 8.89 -8.47 12.42
CA SER B 153 10.19 -9.06 12.07
C SER B 153 10.31 -10.50 12.58
N THR B 154 9.82 -10.72 13.80
CA THR B 154 9.83 -12.05 14.39
C THR B 154 8.94 -12.96 13.53
N TYR B 155 7.76 -12.45 13.17
CA TYR B 155 6.81 -13.18 12.36
C TYR B 155 7.38 -13.51 10.98
N VAL B 156 7.85 -12.49 10.28
CA VAL B 156 8.41 -12.73 8.96
C VAL B 156 9.57 -13.70 9.06
N ASN B 157 10.53 -13.43 9.94
CA ASN B 157 11.66 -14.34 10.03
C ASN B 157 11.18 -15.71 10.36
N GLY B 158 10.08 -15.78 11.11
CA GLY B 158 9.54 -17.08 11.45
C GLY B 158 9.16 -17.82 10.19
N ILE B 159 8.25 -17.23 9.43
CA ILE B 159 7.78 -17.82 8.18
C ILE B 159 8.93 -18.23 7.27
N LEU B 160 9.82 -17.28 6.98
CA LEU B 160 10.95 -17.56 6.10
C LEU B 160 11.78 -18.74 6.57
N SER B 161 11.74 -19.04 7.87
CA SER B 161 12.53 -20.14 8.38
C SER B 161 12.02 -21.51 7.92
N HIS B 162 10.89 -21.58 7.22
CA HIS B 162 10.39 -22.89 6.80
C HIS B 162 10.39 -23.24 5.33
N VAL B 163 10.94 -22.36 4.50
CA VAL B 163 11.02 -22.65 3.07
C VAL B 163 12.46 -22.50 2.67
N ASP B 164 12.78 -23.04 1.50
CA ASP B 164 14.13 -22.96 0.95
C ASP B 164 14.21 -21.60 0.26
N ILE B 165 14.69 -20.59 0.98
CA ILE B 165 14.78 -19.25 0.42
C ILE B 165 15.51 -19.10 -0.93
N GLU B 166 16.74 -19.58 -1.02
CA GLU B 166 17.45 -19.42 -2.29
C GLU B 166 16.78 -20.18 -3.42
N LYS B 167 16.14 -21.30 -3.10
CA LYS B 167 15.49 -22.06 -4.14
C LYS B 167 14.40 -21.23 -4.79
N ILE B 168 13.49 -20.69 -3.99
CA ILE B 168 12.38 -19.88 -4.50
C ILE B 168 12.89 -18.61 -5.17
N LYS B 169 13.92 -18.03 -4.58
CA LYS B 169 14.50 -16.79 -5.08
C LYS B 169 15.01 -16.87 -6.52
N LYS B 170 15.56 -18.03 -6.86
CA LYS B 170 16.09 -18.28 -8.20
C LYS B 170 14.95 -18.29 -9.19
N LYS B 171 13.81 -18.79 -8.76
CA LYS B 171 12.64 -18.84 -9.60
C LYS B 171 12.25 -17.44 -10.04
N ASN B 172 12.55 -16.46 -9.19
CA ASN B 172 12.22 -15.05 -9.44
C ASN B 172 10.78 -14.81 -9.88
N TYR B 173 9.86 -15.21 -9.02
CA TYR B 173 8.44 -15.09 -9.30
C TYR B 173 7.90 -13.69 -9.39
N LYS B 174 6.90 -13.52 -10.23
CA LYS B 174 6.23 -12.24 -10.40
C LYS B 174 4.92 -12.49 -9.61
N VAL B 175 4.74 -11.76 -8.52
CA VAL B 175 3.62 -11.99 -7.63
C VAL B 175 2.68 -10.79 -7.40
N LEU B 176 1.40 -11.06 -7.17
CA LEU B 176 0.45 -9.96 -6.87
C LEU B 176 -0.18 -10.24 -5.50
N ILE B 177 -0.32 -9.20 -4.69
CA ILE B 177 -0.88 -9.36 -3.36
C ILE B 177 -2.02 -8.38 -3.07
N ASP B 178 -3.13 -8.88 -2.54
CA ASP B 178 -4.25 -8.02 -2.20
C ASP B 178 -4.52 -8.15 -0.69
N PRO B 179 -3.89 -7.30 0.12
CA PRO B 179 -4.06 -7.31 1.57
C PRO B 179 -5.37 -6.67 2.07
N ALA B 180 -6.20 -6.27 1.12
CA ALA B 180 -7.49 -5.65 1.41
C ALA B 180 -7.40 -4.37 2.21
N ASN B 181 -6.41 -3.56 1.87
CA ASN B 181 -6.22 -2.28 2.54
C ASN B 181 -5.96 -2.41 4.00
N SER B 182 -5.47 -3.57 4.38
CA SER B 182 -5.23 -3.80 5.77
C SER B 182 -3.86 -4.36 6.13
N VAL B 183 -3.71 -4.53 7.43
CA VAL B 183 -2.53 -5.01 8.07
C VAL B 183 -1.71 -6.05 7.32
N GLY B 184 -2.30 -6.76 6.36
CA GLY B 184 -1.51 -7.74 5.61
C GLY B 184 -0.40 -7.12 4.77
N ALA B 185 -0.61 -5.89 4.31
CA ALA B 185 0.37 -5.17 3.50
C ALA B 185 1.69 -5.00 4.22
N LEU B 186 1.65 -5.13 5.54
CA LEU B 186 2.83 -4.95 6.36
C LEU B 186 3.63 -6.21 6.56
N SER B 187 3.07 -7.36 6.20
CA SER B 187 3.85 -8.57 6.41
C SER B 187 4.02 -9.47 5.19
N THR B 188 2.99 -9.60 4.36
CA THR B 188 3.13 -10.47 3.18
C THR B 188 4.12 -9.97 2.11
N PRO B 189 4.08 -8.66 1.75
CA PRO B 189 5.03 -8.19 0.74
C PRO B 189 6.48 -8.38 1.24
N LEU B 190 6.62 -8.36 2.56
CA LEU B 190 7.92 -8.51 3.18
C LEU B 190 8.47 -9.91 3.00
N VAL B 191 7.64 -10.94 3.09
CA VAL B 191 8.21 -12.28 2.90
C VAL B 191 8.43 -12.50 1.38
N ALA B 192 7.61 -11.85 0.57
CA ALA B 192 7.73 -11.96 -0.88
C ALA B 192 9.08 -11.40 -1.30
N ARG B 193 9.40 -10.24 -0.74
CA ARG B 193 10.67 -9.60 -1.03
C ARG B 193 11.83 -10.47 -0.63
N ALA B 194 11.71 -11.14 0.51
CA ALA B 194 12.76 -12.01 1.00
C ALA B 194 12.94 -13.22 0.10
N LEU B 195 11.87 -13.61 -0.60
CA LEU B 195 11.94 -14.75 -1.51
C LEU B 195 12.20 -14.24 -2.93
N GLY B 196 12.57 -12.97 -2.99
CA GLY B 196 12.94 -12.35 -4.25
C GLY B 196 11.94 -12.18 -5.38
N CYS B 197 10.71 -11.80 -5.09
CA CYS B 197 9.70 -11.61 -6.12
C CYS B 197 9.60 -10.15 -6.62
N LYS B 198 8.98 -9.97 -7.79
CA LYS B 198 8.71 -8.63 -8.31
C LYS B 198 7.35 -8.46 -7.63
N ILE B 199 7.15 -7.41 -6.85
CA ILE B 199 5.89 -7.26 -6.11
C ILE B 199 4.91 -6.16 -6.54
N TYR B 200 3.71 -6.60 -6.92
CA TYR B 200 2.62 -5.72 -7.29
C TYR B 200 1.58 -5.93 -6.21
N THR B 201 1.10 -4.87 -5.60
CA THR B 201 0.09 -5.06 -4.60
C THR B 201 -1.06 -4.19 -4.97
N ILE B 202 -2.26 -4.65 -4.70
CA ILE B 202 -3.44 -3.86 -4.98
C ILE B 202 -3.99 -3.58 -3.58
N ASN B 203 -4.53 -2.38 -3.38
CA ASN B 203 -5.06 -2.01 -2.06
C ASN B 203 -3.96 -2.27 -1.04
N GLY B 204 -2.76 -1.79 -1.36
CA GLY B 204 -1.63 -2.04 -0.48
C GLY B 204 -1.52 -1.04 0.62
N ASN B 205 -2.19 0.09 0.45
CA ASN B 205 -2.20 1.12 1.46
C ASN B 205 -3.22 0.78 2.56
N LEU B 206 -2.95 1.21 3.78
CA LEU B 206 -3.85 0.95 4.92
C LEU B 206 -5.07 1.89 4.89
N ASP B 207 -6.26 1.32 4.93
CA ASP B 207 -7.45 2.15 4.86
C ASP B 207 -8.68 1.56 5.54
N PRO B 208 -9.02 2.03 6.76
CA PRO B 208 -10.18 1.51 7.47
C PRO B 208 -11.56 1.64 6.77
N LEU B 209 -11.63 2.40 5.69
CA LEU B 209 -12.90 2.52 5.00
C LEU B 209 -13.15 1.43 3.96
N PHE B 210 -12.10 0.71 3.60
CA PHE B 210 -12.21 -0.41 2.66
C PHE B 210 -12.96 -0.12 1.37
N SER B 211 -12.66 1.02 0.75
CA SER B 211 -13.26 1.43 -0.49
C SER B 211 -13.20 0.40 -1.65
N ALA B 212 -12.05 -0.19 -1.91
CA ALA B 212 -11.88 -1.13 -3.03
C ALA B 212 -12.62 -2.47 -2.97
N ARG B 213 -12.78 -3.03 -1.78
CA ARG B 213 -13.48 -4.31 -1.68
C ARG B 213 -13.66 -4.68 -0.21
N GLN B 214 -14.69 -5.47 0.07
CA GLN B 214 -14.93 -5.89 1.42
C GLN B 214 -13.71 -6.68 1.84
N PRO B 215 -13.33 -6.59 3.11
CA PRO B 215 -12.16 -7.32 3.61
C PRO B 215 -12.21 -8.83 3.39
N GLU B 216 -13.40 -9.40 3.45
CA GLU B 216 -13.50 -10.85 3.26
C GLU B 216 -13.28 -11.22 1.79
N PRO B 217 -12.21 -11.98 1.50
CA PRO B 217 -11.88 -12.38 0.14
C PRO B 217 -12.78 -13.50 -0.35
N THR B 218 -13.58 -13.21 -1.37
CA THR B 218 -14.52 -14.17 -1.92
C THR B 218 -14.52 -14.03 -3.42
N PHE B 219 -14.93 -15.07 -4.12
CA PHE B 219 -14.98 -15.02 -5.58
C PHE B 219 -15.52 -13.68 -6.05
N ASP B 220 -16.44 -13.11 -5.29
CA ASP B 220 -17.03 -11.87 -5.69
C ASP B 220 -16.23 -10.59 -5.36
N SER B 221 -15.63 -10.54 -4.17
CA SER B 221 -14.85 -9.37 -3.78
C SER B 221 -13.57 -9.33 -4.61
N LEU B 222 -13.14 -10.53 -5.02
CA LEU B 222 -11.93 -10.72 -5.82
C LEU B 222 -12.19 -10.73 -7.30
N LYS B 223 -13.30 -10.17 -7.69
CA LYS B 223 -13.65 -10.14 -9.09
C LYS B 223 -12.63 -9.29 -9.80
N GLU B 224 -12.47 -8.05 -9.34
CA GLU B 224 -11.55 -7.12 -9.95
C GLU B 224 -10.08 -7.44 -9.77
N THR B 225 -9.67 -7.79 -8.55
CA THR B 225 -8.25 -8.07 -8.38
C THR B 225 -7.82 -9.29 -9.20
N ALA B 226 -8.78 -10.14 -9.58
CA ALA B 226 -8.44 -11.31 -10.40
C ALA B 226 -8.25 -10.84 -11.83
N GLU B 227 -8.90 -9.72 -12.13
CA GLU B 227 -8.82 -9.10 -13.43
C GLU B 227 -7.39 -8.60 -13.64
N VAL B 228 -6.90 -7.84 -12.67
CA VAL B 228 -5.55 -7.29 -12.73
C VAL B 228 -4.49 -8.37 -12.71
N VAL B 229 -4.77 -9.51 -12.10
CA VAL B 229 -3.79 -10.58 -12.08
C VAL B 229 -3.58 -11.07 -13.51
N LYS B 230 -4.65 -11.10 -14.30
CA LYS B 230 -4.54 -11.54 -15.67
C LYS B 230 -3.80 -10.48 -16.49
N THR B 231 -4.23 -9.23 -16.36
CA THR B 231 -3.57 -8.18 -17.12
C THR B 231 -2.12 -7.96 -16.71
N LEU B 232 -1.76 -8.25 -15.47
CA LEU B 232 -0.38 -8.05 -15.07
C LEU B 232 0.46 -9.30 -15.33
N LYS B 233 -0.14 -10.32 -15.92
CA LYS B 233 0.57 -11.58 -16.21
C LYS B 233 1.42 -12.01 -15.02
N VAL B 234 0.78 -12.12 -13.88
CA VAL B 234 1.42 -12.51 -12.64
C VAL B 234 1.49 -14.04 -12.49
N ASP B 235 2.58 -14.56 -11.92
CA ASP B 235 2.70 -16.01 -11.77
C ASP B 235 1.79 -16.55 -10.68
N LEU B 236 1.34 -15.66 -9.79
CA LEU B 236 0.50 -16.05 -8.68
C LEU B 236 0.02 -14.83 -7.89
N GLY B 237 -1.23 -14.90 -7.44
CA GLY B 237 -1.81 -13.81 -6.67
C GLY B 237 -2.29 -14.36 -5.34
N VAL B 238 -2.47 -13.46 -4.37
CA VAL B 238 -2.98 -13.86 -3.06
C VAL B 238 -3.83 -12.73 -2.54
N ALA B 239 -4.97 -13.10 -1.96
CA ALA B 239 -5.89 -12.14 -1.38
C ALA B 239 -5.98 -12.50 0.11
N HIS B 240 -6.17 -11.47 0.95
CA HIS B 240 -6.23 -11.65 2.40
C HIS B 240 -7.48 -11.01 2.96
N ASP B 241 -7.81 -11.37 4.20
CA ASP B 241 -8.94 -10.75 4.85
C ASP B 241 -8.33 -9.69 5.75
N GLY B 242 -9.17 -8.91 6.41
CA GLY B 242 -8.69 -7.85 7.29
C GLY B 242 -7.49 -8.12 8.18
N ASP B 243 -7.44 -9.24 8.89
CA ASP B 243 -6.28 -9.46 9.72
C ASP B 243 -5.33 -10.53 9.19
N ALA B 244 -5.46 -10.79 7.90
CA ALA B 244 -4.60 -11.72 7.18
C ALA B 244 -4.36 -13.10 7.75
N ASP B 245 -5.39 -13.72 8.31
CA ASP B 245 -5.21 -15.09 8.80
C ASP B 245 -5.69 -16.05 7.71
N ARG B 246 -6.39 -15.50 6.72
CA ARG B 246 -6.89 -16.27 5.58
C ARG B 246 -6.12 -15.88 4.33
N ALA B 247 -6.05 -16.78 3.37
CA ALA B 247 -5.37 -16.49 2.11
C ALA B 247 -5.90 -17.32 0.93
N ILE B 248 -6.57 -16.68 -0.01
CA ILE B 248 -7.04 -17.43 -1.14
C ILE B 248 -6.30 -16.97 -2.39
N PHE B 249 -5.73 -17.94 -3.10
CA PHE B 249 -4.94 -17.66 -4.28
C PHE B 249 -5.68 -17.50 -5.60
N ILE B 250 -4.94 -17.03 -6.60
CA ILE B 250 -5.45 -16.81 -7.95
C ILE B 250 -4.31 -17.26 -8.86
N ASP B 251 -4.56 -18.27 -9.69
CA ASP B 251 -3.52 -18.81 -10.58
C ASP B 251 -3.15 -17.86 -11.70
N SER B 252 -2.18 -18.31 -12.50
CA SER B 252 -1.70 -17.51 -13.61
C SER B 252 -2.76 -17.25 -14.66
N GLU B 253 -3.81 -18.05 -14.65
CA GLU B 253 -4.90 -17.91 -15.60
C GLU B 253 -5.86 -16.77 -15.26
N GLY B 254 -5.75 -16.28 -14.03
CA GLY B 254 -6.63 -15.21 -13.59
C GLY B 254 -7.83 -15.77 -12.84
N ARG B 255 -7.73 -17.04 -12.43
CA ARG B 255 -8.84 -17.63 -11.71
C ARG B 255 -8.59 -17.89 -10.22
N VAL B 256 -9.53 -17.40 -9.41
CA VAL B 256 -9.42 -17.55 -7.98
C VAL B 256 -9.74 -18.98 -7.56
N GLN B 257 -8.80 -19.56 -6.83
CA GLN B 257 -8.92 -20.91 -6.29
C GLN B 257 -9.47 -20.76 -4.87
N TRP B 258 -10.37 -21.64 -4.48
CA TRP B 258 -10.98 -21.56 -3.16
C TRP B 258 -10.14 -22.22 -2.08
N GLY B 259 -10.39 -21.82 -0.84
CA GLY B 259 -9.66 -22.34 0.30
C GLY B 259 -9.38 -23.83 0.34
N ASP B 260 -10.39 -24.65 0.09
CA ASP B 260 -10.22 -26.11 0.13
C ASP B 260 -9.31 -26.62 -0.98
N ARG B 261 -9.29 -25.88 -2.08
CA ARG B 261 -8.44 -26.24 -3.22
C ARG B 261 -6.96 -25.99 -2.82
N SER B 262 -6.64 -24.74 -2.49
CA SER B 262 -5.28 -24.38 -2.10
C SER B 262 -4.83 -25.17 -0.87
N GLY B 263 -5.81 -25.47 -0.01
CA GLY B 263 -5.57 -26.23 1.21
C GLY B 263 -5.11 -27.63 0.85
N THR B 264 -5.70 -28.21 -0.18
CA THR B 264 -5.31 -29.56 -0.58
C THR B 264 -3.86 -29.59 -1.07
N LEU B 265 -3.51 -28.76 -2.05
CA LEU B 265 -2.12 -28.69 -2.54
C LEU B 265 -1.17 -28.41 -1.36
N LEU B 266 -1.54 -27.41 -0.56
CA LEU B 266 -0.76 -27.03 0.60
C LEU B 266 -0.66 -28.20 1.60
N SER B 267 -1.76 -28.92 1.82
CA SER B 267 -1.75 -30.07 2.73
C SER B 267 -0.74 -31.09 2.16
N TYR B 268 -0.88 -31.33 0.86
CA TYR B 268 0.02 -32.22 0.14
C TYR B 268 1.50 -31.84 0.34
N TRP B 269 1.83 -30.59 0.01
CA TRP B 269 3.19 -30.10 0.15
C TRP B 269 3.67 -30.21 1.61
N ALA B 270 2.78 -29.87 2.53
CA ALA B 270 3.11 -29.95 3.94
C ALA B 270 3.66 -31.33 4.21
N SER B 271 2.98 -32.32 3.65
CA SER B 271 3.35 -33.72 3.79
C SER B 271 4.76 -34.03 3.31
N VAL B 272 5.09 -33.56 2.11
CA VAL B 272 6.42 -33.76 1.53
C VAL B 272 7.52 -33.17 2.40
N LYS B 273 7.24 -32.08 3.10
CA LYS B 273 8.23 -31.44 3.95
C LYS B 273 8.47 -32.21 5.24
N ASN B 274 7.47 -32.99 5.65
CA ASN B 274 7.60 -33.77 6.86
C ASN B 274 7.20 -35.23 6.67
N PRO B 275 8.06 -35.99 5.98
CA PRO B 275 7.84 -37.41 5.71
C PRO B 275 7.27 -38.06 6.96
N LYS B 276 8.15 -38.31 7.93
CA LYS B 276 7.71 -38.91 9.17
C LYS B 276 6.89 -37.87 9.94
N ALA B 277 5.57 -38.01 9.88
CA ALA B 277 4.65 -37.12 10.55
C ALA B 277 3.26 -37.58 10.13
N ILE B 278 2.58 -38.28 11.04
CA ILE B 278 1.24 -38.84 10.78
C ILE B 278 0.43 -38.06 9.74
N LYS B 279 0.33 -38.65 8.55
CA LYS B 279 -0.38 -38.03 7.44
C LYS B 279 -1.91 -38.01 7.62
N LYS B 280 -2.39 -36.95 8.27
CA LYS B 280 -3.81 -36.76 8.50
C LYS B 280 -4.03 -35.26 8.63
N ILE B 281 -5.05 -34.72 7.97
CA ILE B 281 -5.31 -33.30 8.06
C ILE B 281 -6.70 -33.07 8.64
N VAL B 282 -6.83 -32.07 9.50
CA VAL B 282 -8.12 -31.76 10.07
C VAL B 282 -8.79 -30.85 9.06
N THR B 283 -10.12 -30.80 9.04
CA THR B 283 -10.84 -29.92 8.11
C THR B 283 -12.33 -30.03 8.30
N ALA B 284 -13.01 -28.89 8.16
CA ALA B 284 -14.45 -28.82 8.32
C ALA B 284 -15.18 -29.55 7.20
N VAL B 285 -16.37 -30.04 7.50
CA VAL B 285 -17.19 -30.75 6.54
C VAL B 285 -17.71 -29.83 5.45
N SER B 286 -17.29 -28.57 5.47
CA SER B 286 -17.74 -27.62 4.46
C SER B 286 -16.74 -27.63 3.29
N SER B 287 -15.63 -28.34 3.49
CA SER B 287 -14.60 -28.45 2.47
C SER B 287 -15.04 -29.44 1.39
N SER B 288 -14.68 -29.15 0.15
CA SER B 288 -15.01 -30.00 -0.98
C SER B 288 -14.53 -31.42 -0.71
N SER B 289 -15.17 -32.41 -1.33
CA SER B 289 -14.77 -33.80 -1.15
C SER B 289 -13.48 -34.00 -1.93
N LEU B 290 -13.26 -33.10 -2.88
CA LEU B 290 -12.07 -33.09 -3.73
C LEU B 290 -10.82 -33.31 -2.90
N VAL B 291 -10.84 -32.79 -1.68
CA VAL B 291 -9.71 -32.92 -0.77
C VAL B 291 -9.39 -34.38 -0.47
N GLU B 292 -10.40 -35.13 -0.04
CA GLU B 292 -10.21 -36.54 0.30
C GLU B 292 -9.92 -37.29 -0.99
N GLU B 293 -10.68 -36.94 -2.01
CA GLU B 293 -10.52 -37.53 -3.33
C GLU B 293 -9.03 -37.47 -3.76
N TYR B 294 -8.44 -36.28 -3.69
CA TYR B 294 -7.04 -36.05 -4.06
C TYR B 294 -5.93 -36.57 -3.13
N LEU B 295 -5.95 -36.13 -1.88
CA LEU B 295 -4.92 -36.54 -0.94
C LEU B 295 -4.82 -38.04 -0.72
N SER B 296 -5.94 -38.73 -0.91
CA SER B 296 -5.99 -40.17 -0.70
C SER B 296 -4.88 -40.90 -1.41
N LYS B 297 -4.60 -40.51 -2.65
CA LYS B 297 -3.56 -41.18 -3.39
C LYS B 297 -2.19 -40.90 -2.79
N TYR B 298 -2.19 -40.29 -1.61
CA TYR B 298 -0.93 -39.99 -0.93
C TYR B 298 -0.92 -40.49 0.50
N ASN B 299 -1.84 -41.38 0.85
CA ASN B 299 -1.88 -41.92 2.20
C ASN B 299 -2.14 -40.87 3.26
N ILE B 300 -2.85 -39.82 2.89
CA ILE B 300 -3.16 -38.77 3.85
C ILE B 300 -4.66 -38.90 4.17
N GLN B 301 -5.02 -38.95 5.45
CA GLN B 301 -6.44 -39.07 5.82
C GLN B 301 -7.05 -37.76 6.30
N VAL B 302 -8.31 -37.54 5.96
CA VAL B 302 -8.97 -36.31 6.37
C VAL B 302 -10.01 -36.49 7.46
N ASP B 303 -9.66 -36.10 8.67
CA ASP B 303 -10.60 -36.20 9.77
C ASP B 303 -11.48 -34.98 9.62
N TRP B 304 -12.74 -35.21 9.29
CA TRP B 304 -13.66 -34.11 9.10
C TRP B 304 -14.19 -33.65 10.44
N THR B 305 -14.33 -32.35 10.60
CA THR B 305 -14.83 -31.77 11.83
C THR B 305 -15.91 -30.74 11.52
N LYS B 306 -16.54 -30.22 12.57
CA LYS B 306 -17.58 -29.21 12.39
C LYS B 306 -16.94 -27.94 11.82
N VAL B 307 -17.72 -26.88 11.70
CA VAL B 307 -17.22 -25.61 11.17
C VAL B 307 -16.72 -24.68 12.30
N GLY B 308 -15.40 -24.65 12.54
CA GLY B 308 -14.86 -23.79 13.59
C GLY B 308 -13.35 -23.64 13.63
N SER B 309 -12.85 -22.54 13.04
CA SER B 309 -11.41 -22.20 12.95
C SER B 309 -10.58 -22.39 14.23
N VAL B 310 -10.83 -21.50 15.20
CA VAL B 310 -10.15 -21.50 16.50
C VAL B 310 -10.16 -22.92 17.10
N ASP B 311 -11.27 -23.61 16.85
CA ASP B 311 -11.45 -24.96 17.34
C ASP B 311 -10.52 -25.92 16.61
N ILE B 312 -10.45 -25.78 15.28
CA ILE B 312 -9.59 -26.62 14.44
C ILE B 312 -8.13 -26.49 14.85
N ALA B 313 -7.75 -25.28 15.22
CA ALA B 313 -6.40 -24.98 15.64
C ALA B 313 -6.02 -25.97 16.71
N HIS B 314 -6.74 -25.92 17.83
CA HIS B 314 -6.49 -26.81 18.94
C HIS B 314 -6.66 -28.25 18.54
N LYS B 315 -7.61 -28.50 17.65
CA LYS B 315 -7.87 -29.84 17.15
C LYS B 315 -6.54 -30.33 16.58
N VAL B 316 -6.08 -29.68 15.52
CA VAL B 316 -4.83 -30.02 14.87
C VAL B 316 -3.71 -30.16 15.89
N ALA B 317 -3.77 -29.36 16.95
CA ALA B 317 -2.75 -29.42 17.98
C ALA B 317 -2.93 -30.65 18.88
N ASP B 318 -4.08 -30.76 19.53
CA ASP B 318 -4.35 -31.88 20.43
C ASP B 318 -4.12 -33.22 19.74
N GLU B 319 -4.40 -33.27 18.44
CA GLU B 319 -4.26 -34.49 17.67
C GLU B 319 -2.95 -34.70 16.88
N ASN B 320 -2.00 -33.78 16.98
CA ASN B 320 -0.71 -33.91 16.27
C ASN B 320 -0.87 -34.09 14.77
N ALA B 321 -1.92 -33.51 14.21
CA ALA B 321 -2.17 -33.60 12.78
C ALA B 321 -1.01 -33.05 11.94
N LEU B 322 -1.09 -33.27 10.63
CA LEU B 322 -0.09 -32.81 9.66
C LEU B 322 -0.28 -31.32 9.32
N ALA B 323 -1.54 -30.90 9.23
CA ALA B 323 -1.89 -29.52 8.93
C ALA B 323 -3.41 -29.42 9.10
N GLY B 324 -3.99 -28.30 8.68
CA GLY B 324 -5.42 -28.14 8.82
C GLY B 324 -5.89 -26.94 8.04
N PHE B 325 -7.18 -26.86 7.71
CA PHE B 325 -7.68 -25.72 6.96
C PHE B 325 -9.18 -25.63 6.78
N GLU B 326 -9.66 -24.39 6.74
CA GLU B 326 -11.05 -24.07 6.51
C GLU B 326 -11.08 -24.01 5.00
N GLU B 327 -12.27 -23.88 4.42
CA GLU B 327 -12.38 -23.82 2.97
C GLU B 327 -12.38 -22.38 2.49
N ASN B 328 -12.30 -21.45 3.43
CA ASN B 328 -12.31 -20.02 3.13
C ASN B 328 -10.92 -19.39 3.06
N GLY B 329 -9.88 -20.21 2.92
CA GLY B 329 -8.52 -19.68 2.90
C GLY B 329 -8.11 -20.03 4.31
N GLY B 330 -6.94 -19.63 4.78
CA GLY B 330 -6.61 -20.01 6.15
C GLY B 330 -6.15 -21.46 6.26
N PHE B 331 -4.84 -21.61 6.41
CA PHE B 331 -4.14 -22.88 6.49
C PHE B 331 -3.27 -22.82 7.75
N MET B 332 -3.07 -23.95 8.41
CA MET B 332 -2.24 -23.98 9.61
C MET B 332 -1.09 -24.92 9.42
N TYR B 333 0.12 -24.38 9.48
CA TYR B 333 1.28 -25.20 9.30
C TYR B 333 1.91 -25.39 10.67
N PRO B 334 1.54 -26.48 11.35
CA PRO B 334 2.03 -26.83 12.69
C PRO B 334 3.48 -26.42 13.03
N PRO B 335 4.46 -26.86 12.22
CA PRO B 335 5.85 -26.51 12.49
C PRO B 335 6.08 -25.02 12.70
N HIS B 336 5.31 -24.20 11.99
CA HIS B 336 5.41 -22.77 12.16
C HIS B 336 4.62 -22.44 13.42
N GLN B 337 3.31 -22.47 13.28
CA GLN B 337 2.40 -22.23 14.40
C GLN B 337 1.02 -22.85 14.11
N TYR B 338 0.25 -23.03 15.18
CA TYR B 338 -1.08 -23.62 15.08
C TYR B 338 -2.21 -22.65 14.82
N VAL B 339 -2.10 -21.79 13.84
CA VAL B 339 -3.20 -20.87 13.60
C VAL B 339 -3.26 -20.50 12.12
N ARG B 340 -4.45 -20.20 11.65
CA ARG B 340 -4.60 -19.79 10.26
C ARG B 340 -3.58 -18.65 10.02
N ASP B 341 -2.71 -18.84 9.02
CA ASP B 341 -1.65 -17.86 8.72
C ASP B 341 -1.50 -17.59 7.20
N GLY B 342 -2.14 -16.51 6.73
CA GLY B 342 -2.09 -16.19 5.32
C GLY B 342 -0.70 -16.17 4.74
N ALA B 343 0.20 -15.42 5.38
CA ALA B 343 1.59 -15.29 4.93
C ALA B 343 2.37 -16.60 4.92
N MET B 344 2.18 -17.43 5.93
CA MET B 344 2.89 -18.71 5.95
C MET B 344 2.38 -19.56 4.77
N SER B 345 1.11 -19.39 4.42
CA SER B 345 0.50 -20.13 3.32
C SER B 345 1.16 -19.68 2.03
N PHE B 346 1.21 -18.36 1.84
CA PHE B 346 1.83 -17.74 0.68
C PHE B 346 3.25 -18.23 0.44
N ALA B 347 4.03 -18.32 1.51
CA ALA B 347 5.40 -18.79 1.42
C ALA B 347 5.38 -20.26 0.96
N LEU B 348 4.64 -21.09 1.70
CA LEU B 348 4.54 -22.50 1.34
C LEU B 348 4.10 -22.66 -0.12
N MET B 349 3.13 -21.87 -0.53
CA MET B 349 2.64 -21.96 -1.90
C MET B 349 3.79 -21.72 -2.87
N LEU B 350 4.61 -20.72 -2.59
CA LEU B 350 5.74 -20.43 -3.48
C LEU B 350 6.77 -21.54 -3.45
N GLU B 351 6.90 -22.24 -2.34
CA GLU B 351 7.87 -23.32 -2.27
C GLU B 351 7.38 -24.46 -3.14
N LEU B 352 6.15 -24.89 -2.89
CA LEU B 352 5.55 -25.98 -3.65
C LEU B 352 5.63 -25.61 -5.13
N LEU B 353 5.15 -24.42 -5.43
CA LEU B 353 5.16 -23.91 -6.79
C LEU B 353 6.58 -24.03 -7.36
N ALA B 354 7.57 -23.60 -6.59
CA ALA B 354 8.95 -23.66 -7.07
C ALA B 354 9.43 -25.08 -7.24
N ASN B 355 8.93 -25.98 -6.40
CA ASN B 355 9.36 -27.37 -6.47
C ASN B 355 8.64 -28.21 -7.52
N GLU B 356 7.83 -27.61 -8.36
CA GLU B 356 7.09 -28.35 -9.37
C GLU B 356 7.41 -27.74 -10.72
N ASN B 357 8.13 -26.64 -10.67
CA ASN B 357 8.52 -25.93 -11.88
C ASN B 357 7.39 -25.89 -12.90
N VAL B 358 6.17 -25.68 -12.41
CA VAL B 358 4.99 -25.62 -13.25
C VAL B 358 4.22 -24.33 -12.95
N SER B 359 3.41 -23.85 -13.89
CA SER B 359 2.63 -22.64 -13.65
C SER B 359 1.59 -22.90 -12.56
N SER B 360 1.21 -21.86 -11.82
CA SER B 360 0.24 -22.05 -10.76
C SER B 360 -1.06 -22.58 -11.38
N ALA B 361 -1.40 -22.03 -12.56
CA ALA B 361 -2.61 -22.42 -13.30
C ALA B 361 -2.70 -23.92 -13.51
N GLU B 362 -1.59 -24.52 -13.94
CA GLU B 362 -1.53 -25.94 -14.17
C GLU B 362 -1.54 -26.66 -12.83
N LEU B 363 -0.65 -26.25 -11.95
CA LEU B 363 -0.52 -26.86 -10.62
C LEU B 363 -1.88 -27.09 -9.98
N PHE B 364 -2.81 -26.16 -10.20
CA PHE B 364 -4.17 -26.30 -9.65
C PHE B 364 -5.01 -27.29 -10.46
N ASP B 365 -4.80 -27.32 -11.77
CA ASP B 365 -5.53 -28.25 -12.63
C ASP B 365 -5.06 -29.68 -12.30
N ARG B 366 -4.04 -29.76 -11.45
CA ARG B 366 -3.51 -31.04 -11.04
C ARG B 366 -4.51 -31.56 -10.02
N LEU B 367 -5.66 -30.91 -9.96
CA LEU B 367 -6.71 -31.21 -8.99
C LEU B 367 -8.04 -31.54 -9.68
N PRO B 368 -8.97 -32.21 -8.96
CA PRO B 368 -10.31 -32.62 -9.41
C PRO B 368 -11.16 -31.39 -9.66
N LYS B 369 -12.08 -31.48 -10.61
CA LYS B 369 -12.92 -30.34 -10.99
C LYS B 369 -14.41 -30.45 -10.60
N TYR B 370 -14.77 -29.96 -9.43
CA TYR B 370 -16.17 -30.01 -9.00
C TYR B 370 -16.86 -28.65 -9.06
N TYR B 371 -17.93 -28.55 -9.85
CA TYR B 371 -18.67 -27.29 -9.92
C TYR B 371 -19.51 -27.27 -8.66
N LEU B 372 -19.76 -26.09 -8.09
CA LEU B 372 -20.55 -26.01 -6.85
C LEU B 372 -21.91 -25.32 -6.95
N VAL B 373 -22.80 -25.67 -6.03
CA VAL B 373 -24.15 -25.10 -5.95
C VAL B 373 -24.56 -24.97 -4.48
N LYS B 374 -24.70 -23.74 -4.01
CA LYS B 374 -25.10 -23.48 -2.63
C LYS B 374 -26.45 -22.75 -2.60
N THR B 375 -27.09 -22.70 -1.44
CA THR B 375 -28.38 -22.02 -1.29
C THR B 375 -28.68 -21.76 0.19
N LYS B 376 -29.94 -21.49 0.48
CA LYS B 376 -30.40 -21.25 1.84
C LYS B 376 -31.89 -21.57 1.95
N VAL B 377 -32.34 -21.86 3.16
CA VAL B 377 -33.75 -22.15 3.46
C VAL B 377 -33.95 -21.76 4.93
N ASP B 378 -34.68 -20.66 5.16
CA ASP B 378 -34.90 -20.14 6.50
C ASP B 378 -35.59 -21.04 7.52
N LEU B 379 -35.14 -20.92 8.76
CA LEU B 379 -35.65 -21.68 9.90
C LEU B 379 -37.15 -21.46 10.09
N LYS B 380 -37.94 -22.48 9.78
CA LYS B 380 -39.39 -22.43 9.91
C LYS B 380 -39.84 -23.32 11.07
N PRO B 381 -40.87 -22.89 11.81
CA PRO B 381 -41.39 -23.66 12.94
C PRO B 381 -42.19 -24.85 12.42
N GLY B 382 -41.90 -26.04 12.93
CA GLY B 382 -42.63 -27.22 12.47
C GLY B 382 -41.74 -28.45 12.32
N LEU B 383 -41.12 -28.59 11.14
CA LEU B 383 -40.24 -29.72 10.91
C LEU B 383 -38.91 -29.39 11.58
N MET B 384 -38.57 -30.13 12.62
CA MET B 384 -37.33 -29.90 13.34
C MET B 384 -36.18 -30.29 12.43
N VAL B 385 -35.03 -29.65 12.62
CA VAL B 385 -33.87 -29.95 11.81
C VAL B 385 -33.41 -31.39 12.02
N GLU B 386 -33.49 -31.86 13.25
CA GLU B 386 -33.09 -33.23 13.59
C GLU B 386 -33.93 -34.21 12.80
N GLU B 387 -35.06 -33.70 12.33
CA GLU B 387 -36.00 -34.46 11.55
C GLU B 387 -35.45 -34.58 10.13
N ILE B 388 -35.14 -33.43 9.55
CA ILE B 388 -34.63 -33.33 8.19
C ILE B 388 -33.40 -34.18 7.97
N TYR B 389 -32.36 -33.95 8.76
CA TYR B 389 -31.14 -34.72 8.62
C TYR B 389 -31.56 -36.17 8.44
N LYS B 390 -32.26 -36.71 9.44
CA LYS B 390 -32.74 -38.08 9.40
C LYS B 390 -33.35 -38.36 8.02
N LYS B 391 -34.16 -37.42 7.55
CA LYS B 391 -34.83 -37.54 6.26
C LYS B 391 -33.87 -37.73 5.09
N ILE B 392 -33.24 -36.65 4.65
CA ILE B 392 -32.29 -36.71 3.53
C ILE B 392 -31.29 -37.83 3.81
N LEU B 393 -30.83 -37.91 5.05
CA LEU B 393 -29.88 -38.94 5.42
C LEU B 393 -30.46 -40.27 4.97
N GLU B 394 -31.69 -40.55 5.37
CA GLU B 394 -32.38 -41.78 4.97
C GLU B 394 -32.08 -42.07 3.51
N VAL B 395 -32.80 -41.34 2.66
CA VAL B 395 -32.74 -41.46 1.22
C VAL B 395 -31.36 -41.53 0.56
N TYR B 396 -30.42 -40.68 0.95
CA TYR B 396 -29.12 -40.71 0.29
C TYR B 396 -28.04 -41.59 0.88
N SER B 397 -28.21 -42.05 2.11
CA SER B 397 -27.20 -42.90 2.72
C SER B 397 -27.27 -44.28 2.08
N THR B 398 -26.57 -44.42 0.96
CA THR B 398 -26.53 -45.66 0.21
C THR B 398 -25.29 -46.47 0.60
N SER B 399 -25.02 -47.53 -0.15
CA SER B 399 -23.85 -48.37 0.11
C SER B 399 -22.72 -47.79 -0.73
N SER B 400 -23.10 -46.99 -1.71
CA SER B 400 -22.17 -46.34 -2.62
C SER B 400 -21.41 -45.22 -1.91
N VAL B 401 -22.18 -44.25 -1.42
CA VAL B 401 -21.65 -43.09 -0.74
C VAL B 401 -21.39 -43.32 0.76
N LYS B 402 -20.69 -42.37 1.38
CA LYS B 402 -20.41 -42.43 2.81
C LYS B 402 -21.10 -41.26 3.50
N ALA B 403 -21.41 -41.45 4.79
CA ALA B 403 -22.10 -40.43 5.59
C ALA B 403 -21.26 -39.85 6.73
N ILE B 404 -21.68 -38.69 7.21
CA ILE B 404 -21.00 -37.98 8.29
C ILE B 404 -22.02 -37.01 8.90
N THR B 405 -22.39 -37.26 10.14
CA THR B 405 -23.38 -36.43 10.83
C THR B 405 -22.72 -35.52 11.86
N ILE B 406 -21.39 -35.54 11.90
CA ILE B 406 -20.63 -34.73 12.83
C ILE B 406 -21.16 -33.30 12.95
N ASP B 407 -21.68 -32.80 11.83
CA ASP B 407 -22.22 -31.44 11.76
C ASP B 407 -23.19 -31.47 10.57
N GLY B 408 -24.49 -31.54 10.87
CA GLY B 408 -25.49 -31.59 9.81
C GLY B 408 -25.35 -32.93 9.08
N VAL B 409 -25.43 -32.88 7.75
CA VAL B 409 -25.30 -34.09 6.97
C VAL B 409 -24.45 -33.86 5.73
N LYS B 410 -23.42 -34.69 5.57
CA LYS B 410 -22.53 -34.61 4.43
C LYS B 410 -22.50 -35.96 3.73
N ILE B 411 -22.78 -35.98 2.43
CA ILE B 411 -22.74 -37.22 1.66
C ILE B 411 -21.61 -37.12 0.65
N ILE B 412 -20.80 -38.17 0.56
CA ILE B 412 -19.70 -38.20 -0.38
C ILE B 412 -19.84 -39.39 -1.33
N GLY B 413 -20.11 -39.11 -2.60
CA GLY B 413 -20.27 -40.16 -3.57
C GLY B 413 -19.00 -40.54 -4.32
N LYS B 414 -19.01 -40.34 -5.63
CA LYS B 414 -17.86 -40.66 -6.44
C LYS B 414 -17.53 -39.44 -7.29
N ASP B 415 -18.55 -38.65 -7.59
CA ASP B 415 -18.40 -37.44 -8.38
C ASP B 415 -19.30 -36.35 -7.84
N PHE B 416 -19.54 -36.38 -6.54
CA PHE B 416 -20.40 -35.39 -5.93
C PHE B 416 -20.37 -35.53 -4.43
N TRP B 417 -21.09 -34.62 -3.79
CA TRP B 417 -21.22 -34.59 -2.36
C TRP B 417 -22.02 -33.35 -2.07
N PHE B 418 -22.54 -33.26 -0.86
CA PHE B 418 -23.31 -32.11 -0.42
C PHE B 418 -23.30 -32.01 1.09
N LEU B 419 -23.76 -30.88 1.58
CA LEU B 419 -23.80 -30.62 3.01
C LEU B 419 -25.01 -29.78 3.39
N VAL B 420 -25.82 -30.29 4.31
CA VAL B 420 -26.97 -29.55 4.78
C VAL B 420 -26.68 -29.23 6.24
N ARG B 421 -26.77 -27.95 6.60
CA ARG B 421 -26.47 -27.54 7.96
C ARG B 421 -27.46 -26.63 8.67
N LYS B 422 -27.34 -26.64 9.99
CA LYS B 422 -28.16 -25.85 10.90
C LYS B 422 -27.17 -24.76 11.28
N SER B 423 -26.99 -23.82 10.36
CA SER B 423 -26.07 -22.69 10.55
C SER B 423 -25.98 -22.26 11.99
N GLY B 424 -27.15 -22.22 12.64
CA GLY B 424 -27.21 -21.77 14.01
C GLY B 424 -27.34 -20.26 13.92
N THR B 425 -26.23 -19.60 13.59
CA THR B 425 -26.21 -18.16 13.43
C THR B 425 -27.29 -17.82 12.39
N GLU B 426 -28.13 -16.84 12.71
CA GLU B 426 -29.21 -16.41 11.81
C GLU B 426 -30.01 -17.59 11.20
N PRO B 427 -31.02 -18.11 11.93
CA PRO B 427 -31.88 -19.23 11.52
C PRO B 427 -32.02 -19.49 10.02
N ILE B 428 -31.13 -20.34 9.51
CA ILE B 428 -31.09 -20.74 8.10
C ILE B 428 -30.40 -22.08 7.94
N ILE B 429 -30.79 -22.83 6.92
CA ILE B 429 -30.16 -24.11 6.68
C ILE B 429 -29.22 -23.98 5.48
N ARG B 430 -27.95 -23.67 5.75
CA ARG B 430 -26.97 -23.56 4.69
C ARG B 430 -27.01 -24.91 3.94
N ILE B 431 -27.36 -24.87 2.65
CA ILE B 431 -27.44 -26.06 1.80
C ILE B 431 -26.64 -25.93 0.49
N MET B 432 -25.56 -26.72 0.39
CA MET B 432 -24.65 -26.70 -0.75
C MET B 432 -24.28 -28.09 -1.28
N ALA B 433 -23.88 -28.14 -2.54
CA ALA B 433 -23.49 -29.39 -3.18
C ALA B 433 -22.69 -29.14 -4.45
N GLU B 434 -21.81 -30.07 -4.78
CA GLU B 434 -21.01 -29.95 -5.97
C GLU B 434 -20.64 -31.32 -6.51
N ALA B 435 -20.60 -31.40 -7.83
CA ALA B 435 -20.27 -32.65 -8.52
C ALA B 435 -19.46 -32.32 -9.78
N LYS B 436 -18.85 -33.33 -10.38
CA LYS B 436 -18.05 -33.12 -11.57
C LYS B 436 -18.88 -32.65 -12.76
N ASP B 437 -20.17 -32.95 -12.73
CA ASP B 437 -21.08 -32.47 -13.77
C ASP B 437 -21.87 -31.42 -13.01
N GLU B 438 -21.88 -30.18 -13.48
CA GLU B 438 -22.61 -29.18 -12.72
C GLU B 438 -24.13 -29.32 -12.74
N ASN B 439 -24.64 -30.13 -13.67
CA ASN B 439 -26.09 -30.35 -13.74
C ASN B 439 -26.53 -31.25 -12.60
N VAL B 440 -25.84 -32.37 -12.41
CA VAL B 440 -26.18 -33.29 -11.34
C VAL B 440 -26.06 -32.55 -10.01
N ALA B 441 -24.94 -31.87 -9.82
CA ALA B 441 -24.71 -31.12 -8.59
C ALA B 441 -25.81 -30.10 -8.39
N ASN B 442 -26.16 -29.42 -9.46
CA ASN B 442 -27.21 -28.41 -9.44
C ASN B 442 -28.54 -28.92 -8.91
N ASN B 443 -29.21 -29.76 -9.68
CA ASN B 443 -30.50 -30.30 -9.27
C ASN B 443 -30.41 -31.20 -8.05
N LEU B 444 -29.20 -31.64 -7.71
CA LEU B 444 -28.99 -32.49 -6.55
C LEU B 444 -29.35 -31.64 -5.34
N VAL B 445 -28.96 -30.37 -5.39
CA VAL B 445 -29.28 -29.47 -4.30
C VAL B 445 -30.79 -29.26 -4.33
N ASN B 446 -31.36 -29.10 -5.53
CA ASN B 446 -32.81 -28.90 -5.67
C ASN B 446 -33.56 -29.97 -4.90
N GLU B 447 -33.29 -31.23 -5.22
CA GLU B 447 -33.95 -32.32 -4.53
C GLU B 447 -33.90 -32.05 -3.03
N LEU B 448 -32.73 -31.65 -2.55
CA LEU B 448 -32.55 -31.36 -1.13
C LEU B 448 -33.39 -30.18 -0.63
N LYS B 449 -33.34 -29.06 -1.34
CA LYS B 449 -34.11 -27.88 -0.92
C LYS B 449 -35.56 -28.27 -0.73
N LYS B 450 -35.98 -29.30 -1.45
CA LYS B 450 -37.33 -29.81 -1.34
C LYS B 450 -37.48 -30.50 0.00
N ILE B 451 -36.90 -31.68 0.13
CA ILE B 451 -36.96 -32.44 1.38
C ILE B 451 -36.86 -31.51 2.61
N VAL B 452 -36.05 -30.46 2.49
CA VAL B 452 -35.85 -29.50 3.58
C VAL B 452 -37.03 -28.56 3.77
N GLU B 453 -37.54 -28.01 2.67
CA GLU B 453 -38.69 -27.09 2.74
C GLU B 453 -39.98 -27.85 3.09
N GLY B 454 -39.82 -29.07 3.60
CA GLY B 454 -40.98 -29.87 3.92
C GLY B 454 -41.43 -30.45 2.60
N LYS B 455 -40.45 -30.66 1.72
CA LYS B 455 -40.69 -31.20 0.37
C LYS B 455 -41.59 -30.26 -0.42
#